data_1EG6
# 
_entry.id   1EG6 
# 
_audit_conform.dict_name       mmcif_pdbx.dic 
_audit_conform.dict_version    5.385 
_audit_conform.dict_location   http://mmcif.pdb.org/dictionaries/ascii/mmcif_pdbx.dic 
# 
loop_
_database_2.database_id 
_database_2.database_code 
_database_2.pdbx_database_accession 
_database_2.pdbx_DOI 
PDB   1EG6         pdb_00001eg6 10.2210/pdb1eg6/pdb 
NDB   DD0026       ?            ?                   
RCSB  RCSB010543   ?            ?                   
WWPDB D_1000010543 ?            ?                   
# 
loop_
_pdbx_audit_revision_history.ordinal 
_pdbx_audit_revision_history.data_content_type 
_pdbx_audit_revision_history.major_revision 
_pdbx_audit_revision_history.minor_revision 
_pdbx_audit_revision_history.revision_date 
1 'Structure model' 1 0 2001-01-03 
2 'Structure model' 1 1 2007-10-16 
3 'Structure model' 1 2 2011-07-13 
4 'Structure model' 1 3 2024-02-07 
# 
_pdbx_audit_revision_details.ordinal             1 
_pdbx_audit_revision_details.revision_ordinal    1 
_pdbx_audit_revision_details.data_content_type   'Structure model' 
_pdbx_audit_revision_details.provider            repository 
_pdbx_audit_revision_details.type                'Initial release' 
_pdbx_audit_revision_details.description         ? 
_pdbx_audit_revision_details.details             ? 
# 
loop_
_pdbx_audit_revision_group.ordinal 
_pdbx_audit_revision_group.revision_ordinal 
_pdbx_audit_revision_group.data_content_type 
_pdbx_audit_revision_group.group 
1 2 'Structure model' 'Version format compliance' 
2 3 'Structure model' 'Version format compliance' 
3 4 'Structure model' 'Data collection'           
4 4 'Structure model' 'Database references'       
5 4 'Structure model' 'Derived calculations'      
# 
loop_
_pdbx_audit_revision_category.ordinal 
_pdbx_audit_revision_category.revision_ordinal 
_pdbx_audit_revision_category.data_content_type 
_pdbx_audit_revision_category.category 
1 4 'Structure model' chem_comp_atom         
2 4 'Structure model' chem_comp_bond         
3 4 'Structure model' database_2             
4 4 'Structure model' diffrn_source          
5 4 'Structure model' pdbx_struct_conn_angle 
6 4 'Structure model' struct_conn            
7 4 'Structure model' struct_site            
# 
loop_
_pdbx_audit_revision_item.ordinal 
_pdbx_audit_revision_item.revision_ordinal 
_pdbx_audit_revision_item.data_content_type 
_pdbx_audit_revision_item.item 
1  4 'Structure model' '_database_2.pdbx_DOI'                      
2  4 'Structure model' '_database_2.pdbx_database_accession'       
3  4 'Structure model' '_diffrn_source.pdbx_synchrotron_site'      
4  4 'Structure model' '_pdbx_struct_conn_angle.ptnr1_auth_seq_id' 
5  4 'Structure model' '_pdbx_struct_conn_angle.ptnr3_auth_seq_id' 
6  4 'Structure model' '_pdbx_struct_conn_angle.value'             
7  4 'Structure model' '_struct_conn.pdbx_dist_value'              
8  4 'Structure model' '_struct_conn.ptnr1_auth_asym_id'           
9  4 'Structure model' '_struct_conn.ptnr1_auth_comp_id'           
10 4 'Structure model' '_struct_conn.ptnr1_auth_seq_id'            
11 4 'Structure model' '_struct_conn.ptnr1_label_asym_id'          
12 4 'Structure model' '_struct_conn.ptnr1_label_atom_id'          
13 4 'Structure model' '_struct_conn.ptnr1_label_comp_id'          
14 4 'Structure model' '_struct_conn.ptnr1_label_seq_id'           
15 4 'Structure model' '_struct_conn.ptnr2_auth_asym_id'           
16 4 'Structure model' '_struct_conn.ptnr2_auth_comp_id'           
17 4 'Structure model' '_struct_conn.ptnr2_auth_seq_id'            
18 4 'Structure model' '_struct_conn.ptnr2_label_asym_id'          
19 4 'Structure model' '_struct_conn.ptnr2_label_atom_id'          
20 4 'Structure model' '_struct_conn.ptnr2_label_comp_id'          
21 4 'Structure model' '_struct_site.pdbx_auth_asym_id'            
22 4 'Structure model' '_struct_site.pdbx_auth_comp_id'            
23 4 'Structure model' '_struct_site.pdbx_auth_seq_id'             
# 
_pdbx_database_status.status_code                     REL 
_pdbx_database_status.entry_id                        1EG6 
_pdbx_database_status.recvd_initial_deposition_date   2000-02-14 
_pdbx_database_status.deposit_site                    RCSB 
_pdbx_database_status.process_site                    RCSB 
_pdbx_database_status.SG_entry                        . 
_pdbx_database_status.pdb_format_compatible           Y 
_pdbx_database_status.status_code_mr                  ? 
_pdbx_database_status.status_code_sf                  ? 
_pdbx_database_status.status_code_cs                  ? 
_pdbx_database_status.status_code_nmr_data            ? 
_pdbx_database_status.methods_development_category    ? 
# 
loop_
_audit_author.name 
_audit_author.pdbx_ordinal 
'Cardin, C.J.' 1 
'Denny, W.A.'  2 
'Hobbs, J.R.'  3 
'Thorpe, J.H.' 4 
# 
_citation.id                        primary 
_citation.title                     
'Guanine specific binding at a DNA junction formed by d[CG(5-BrU)ACG](2) with a topoisomerase poison in the presence of Co(2+) ions.' 
_citation.journal_abbrev            Biochemistry 
_citation.journal_volume            39 
_citation.page_first                15055 
_citation.page_last                 15061 
_citation.year                      2000 
_citation.journal_id_ASTM           BICHAW 
_citation.country                   US 
_citation.journal_id_ISSN           0006-2960 
_citation.journal_id_CSD            0033 
_citation.book_publisher            ? 
_citation.pdbx_database_id_PubMed   11106483 
_citation.pdbx_database_id_DOI      10.1021/bi001749p 
# 
loop_
_citation_author.citation_id 
_citation_author.name 
_citation_author.ordinal 
_citation_author.identifier_ORCID 
primary 'Thorpe, J.H.' 1 ? 
primary 'Hobbs, J.R.'  2 ? 
primary 'Todd, A.K.'   3 ? 
primary 'Denny, W.A.'  4 ? 
primary 'Charlton, P.' 5 ? 
primary 'Cardin, C.J.' 6 ? 
# 
loop_
_entity.id 
_entity.type 
_entity.src_method 
_entity.pdbx_description 
_entity.formula_weight 
_entity.pdbx_number_of_molecules 
_entity.pdbx_ec 
_entity.pdbx_mutation 
_entity.pdbx_fragment 
_entity.details 
1 polymer     syn "5'-D(*CP*GP*(BRO)UP*AP*CP*G)-3'"                                   1795.191 2  ? ? ? ? 
2 non-polymer syn 'COBALT (III) ION'                                                  58.933   2  ? ? ? ? 
3 non-polymer syn 'BROMIDE ION'                                                       79.904   2  ? ? ? ? 
4 non-polymer syn '9-BROMO-PHENAZINE-1-CARBOXYLIC ACID (2-DIMETHYLAMINO-ETHYL)-AMIDE' 373.247  1  ? ? ? ? 
5 water       nat water                                                               18.015   37 ? ? ? ? 
# 
_entity_poly.entity_id                      1 
_entity_poly.type                           polydeoxyribonucleotide 
_entity_poly.nstd_linkage                   no 
_entity_poly.nstd_monomer                   no 
_entity_poly.pdbx_seq_one_letter_code       '(DC)(DG)(DU)(DA)(DC)(DG)' 
_entity_poly.pdbx_seq_one_letter_code_can   CGUACG 
_entity_poly.pdbx_strand_id                 A,B 
_entity_poly.pdbx_target_identifier         ? 
# 
loop_
_pdbx_entity_nonpoly.entity_id 
_pdbx_entity_nonpoly.name 
_pdbx_entity_nonpoly.comp_id 
2 'COBALT (III) ION'                                                  3CO 
3 'BROMIDE ION'                                                       BR  
4 '9-BROMO-PHENAZINE-1-CARBOXYLIC ACID (2-DIMETHYLAMINO-ETHYL)-AMIDE' BFA 
5 water                                                               HOH 
# 
loop_
_entity_poly_seq.entity_id 
_entity_poly_seq.num 
_entity_poly_seq.mon_id 
_entity_poly_seq.hetero 
1 1 DC n 
1 2 DG n 
1 3 DU n 
1 4 DA n 
1 5 DC n 
1 6 DG n 
# 
loop_
_chem_comp.id 
_chem_comp.type 
_chem_comp.mon_nstd_flag 
_chem_comp.name 
_chem_comp.pdbx_synonyms 
_chem_comp.formula 
_chem_comp.formula_weight 
3CO non-polymer   . 'COBALT (III) ION'                                                  ? 'Co 3'            58.933  
BFA non-polymer   . '9-BROMO-PHENAZINE-1-CARBOXYLIC ACID (2-DIMETHYLAMINO-ETHYL)-AMIDE' ? 'C17 H17 Br N4 O' 373.247 
BR  non-polymer   . 'BROMIDE ION'                                                       ? 'Br -1'           79.904  
DA  'DNA linking' y "2'-DEOXYADENOSINE-5'-MONOPHOSPHATE"                                ? 'C10 H14 N5 O6 P' 331.222 
DC  'DNA linking' y "2'-DEOXYCYTIDINE-5'-MONOPHOSPHATE"                                 ? 'C9 H14 N3 O7 P'  307.197 
DG  'DNA linking' y "2'-DEOXYGUANOSINE-5'-MONOPHOSPHATE"                                ? 'C10 H14 N5 O7 P' 347.221 
DU  'DNA linking' y "2'-DEOXYURIDINE-5'-MONOPHOSPHATE"                                  ? 'C9 H13 N2 O8 P'  308.182 
HOH non-polymer   . WATER                                                               ? 'H2 O'            18.015  
# 
loop_
_pdbx_poly_seq_scheme.asym_id 
_pdbx_poly_seq_scheme.entity_id 
_pdbx_poly_seq_scheme.seq_id 
_pdbx_poly_seq_scheme.mon_id 
_pdbx_poly_seq_scheme.ndb_seq_num 
_pdbx_poly_seq_scheme.pdb_seq_num 
_pdbx_poly_seq_scheme.auth_seq_num 
_pdbx_poly_seq_scheme.pdb_mon_id 
_pdbx_poly_seq_scheme.auth_mon_id 
_pdbx_poly_seq_scheme.pdb_strand_id 
_pdbx_poly_seq_scheme.pdb_ins_code 
_pdbx_poly_seq_scheme.hetero 
A 1 1 DC 1 1 1 DC C A . n 
A 1 2 DG 2 2 2 DG G A . n 
A 1 3 DU 3 3 3 DU U A . n 
A 1 4 DA 4 4 4 DA A A . n 
A 1 5 DC 5 5 5 DC C A . n 
A 1 6 DG 6 6 6 DG G A . n 
B 1 1 DC 1 1 ? ?  ? B . n 
B 1 2 DG 2 2 2 DG G B . n 
B 1 3 DU 3 3 3 DU U B . n 
B 1 4 DA 4 4 4 DA A B . n 
B 1 5 DC 5 5 5 DC C B . n 
B 1 6 DG 6 6 6 DG G B . n 
# 
loop_
_pdbx_nonpoly_scheme.asym_id 
_pdbx_nonpoly_scheme.entity_id 
_pdbx_nonpoly_scheme.mon_id 
_pdbx_nonpoly_scheme.ndb_seq_num 
_pdbx_nonpoly_scheme.pdb_seq_num 
_pdbx_nonpoly_scheme.auth_seq_num 
_pdbx_nonpoly_scheme.pdb_mon_id 
_pdbx_nonpoly_scheme.auth_mon_id 
_pdbx_nonpoly_scheme.pdb_strand_id 
_pdbx_nonpoly_scheme.pdb_ins_code 
C 2 3CO 1  40 40 3CO 3CO A . 
D 3 BR  1  41 3  BR  BRO A . 
E 2 3CO 1  43 43 3CO 3CO B . 
F 3 BR  1  44 3  BR  BRO B . 
G 4 BFA 1  50 50 BFA BFA B . 
H 5 HOH 1  42 41 HOH HOH A . 
H 5 HOH 2  43 42 HOH HOH A . 
H 5 HOH 3  44 1  HOH HOH A . 
H 5 HOH 4  45 2  HOH HOH A . 
H 5 HOH 5  46 6  HOH HOH A . 
H 5 HOH 6  47 7  HOH HOH A . 
H 5 HOH 7  48 9  HOH HOH A . 
H 5 HOH 8  49 11 HOH HOH A . 
H 5 HOH 9  50 15 HOH HOH A . 
H 5 HOH 10 51 16 HOH HOH A . 
H 5 HOH 11 52 21 HOH HOH A . 
H 5 HOH 12 53 25 HOH HOH A . 
H 5 HOH 13 54 29 HOH HOH A . 
H 5 HOH 14 55 31 HOH HOH A . 
H 5 HOH 15 56 32 HOH HOH A . 
H 5 HOH 16 57 33 HOH HOH A . 
I 5 HOH 1  51 44 HOH HOH B . 
I 5 HOH 2  52 45 HOH HOH B . 
I 5 HOH 3  53 46 HOH HOH B . 
I 5 HOH 4  54 47 HOH HOH B . 
I 5 HOH 5  55 48 HOH HOH B . 
I 5 HOH 6  56 3  HOH HOH B . 
I 5 HOH 7  57 4  HOH HOH B . 
I 5 HOH 8  58 10 HOH HOH B . 
I 5 HOH 9  59 12 HOH HOH B . 
I 5 HOH 10 60 13 HOH HOH B . 
I 5 HOH 11 61 14 HOH HOH B . 
I 5 HOH 12 62 17 HOH HOH B . 
I 5 HOH 13 63 18 HOH HOH B . 
I 5 HOH 14 64 19 HOH HOH B . 
I 5 HOH 15 65 20 HOH HOH B . 
I 5 HOH 16 66 22 HOH HOH B . 
I 5 HOH 17 67 24 HOH HOH B . 
I 5 HOH 18 68 26 HOH HOH B . 
I 5 HOH 19 69 27 HOH HOH B . 
I 5 HOH 20 70 28 HOH HOH B . 
I 5 HOH 21 71 30 HOH HOH B . 
# 
loop_
_software.name 
_software.classification 
_software.version 
_software.citation_id 
_software.pdbx_ordinal 
SOLVE     phasing          .         ? 1 
SHELXL-97 refinement       .         ? 2 
DENZO     'data reduction' .         ? 3 
CCP4      'data scaling'   '(SCALA)' ? 4 
# 
_cell.entry_id           1EG6 
_cell.length_a           29.420 
_cell.length_b           53.440 
_cell.length_c           41.320 
_cell.angle_alpha        90.00 
_cell.angle_beta         90.00 
_cell.angle_gamma        90.00 
_cell.Z_PDB              16 
_cell.pdbx_unique_axis   ? 
# 
_symmetry.entry_id                         1EG6 
_symmetry.space_group_name_H-M             'C 2 2 2' 
_symmetry.pdbx_full_space_group_name_H-M   ? 
_symmetry.cell_setting                     orthorhombic 
_symmetry.Int_Tables_number                21 
# 
_exptl.entry_id          1EG6 
_exptl.method            'X-RAY DIFFRACTION' 
_exptl.crystals_number   1 
# 
_exptl_crystal.id                    1 
_exptl_crystal.density_meas          ? 
_exptl_crystal.density_percent_sol   42.71 
_exptl_crystal.density_Matthews      2.15 
_exptl_crystal.description           ? 
# 
_exptl_crystal_grow.crystal_id      1 
_exptl_crystal_grow.method          'VAPOR DIFFUSION, SITTING DROP' 
_exptl_crystal_grow.temp            279 
_exptl_crystal_grow.temp_details    ? 
_exptl_crystal_grow.pH              7.5 
_exptl_crystal_grow.pdbx_details    
;DROP: SODIUM CACODYLATE BUFFER, MAGNESIUM ACETATE, COBALT CHLORIDE, SPERMINE, MPD RESERVOIR: MPD, pH 7.5, VAPOR DIFFUSION, SITTING DROP, temperature 279K
;
_exptl_crystal_grow.pdbx_pH_range   ? 
# 
loop_
_exptl_crystal_grow_comp.crystal_id 
_exptl_crystal_grow_comp.id 
_exptl_crystal_grow_comp.sol_id 
_exptl_crystal_grow_comp.name 
_exptl_crystal_grow_comp.volume 
_exptl_crystal_grow_comp.conc 
_exptl_crystal_grow_comp.details 
1 1 1 'SODIUM CACODYLATE' ? ? ? 
1 2 1 'MAGNESIUM ACETATE' ? ? ? 
1 3 1 CoCl3               ? ? ? 
1 4 1 SPERMINE            ? ? ? 
1 5 1 MPD                 ? ? ? 
1 6 2 MPD                 ? ? ? 
# 
_diffrn.id                     1 
_diffrn.ambient_temp           100 
_diffrn.ambient_temp_details   ? 
_diffrn.crystal_id             1 
# 
_diffrn_detector.diffrn_id              1 
_diffrn_detector.detector               'IMAGE PLATE' 
_diffrn_detector.type                   MARRESEARCH 
_diffrn_detector.pdbx_collection_date   1999-12-06 
_diffrn_detector.details                ? 
# 
_diffrn_radiation.diffrn_id                        1 
_diffrn_radiation.wavelength_id                    1 
_diffrn_radiation.pdbx_monochromatic_or_laue_m_l   M 
_diffrn_radiation.monochromator                    ? 
_diffrn_radiation.pdbx_diffrn_protocol             'SINGLE WAVELENGTH' 
_diffrn_radiation.pdbx_scattering_type             x-ray 
# 
_diffrn_radiation_wavelength.id           1 
_diffrn_radiation_wavelength.wavelength   0.9000 
_diffrn_radiation_wavelength.wt           1.0 
# 
_diffrn_source.diffrn_id                   1 
_diffrn_source.source                      SYNCHROTRON 
_diffrn_source.type                        'EMBL/DESY, HAMBURG BEAMLINE X31' 
_diffrn_source.pdbx_synchrotron_site       'EMBL/DESY, HAMBURG' 
_diffrn_source.pdbx_synchrotron_beamline   X31 
_diffrn_source.pdbx_wavelength             0.9000 
_diffrn_source.pdbx_wavelength_list        ? 
# 
_reflns.entry_id                     1EG6 
_reflns.observed_criterion_sigma_I   2. 
_reflns.observed_criterion_sigma_F   4. 
_reflns.d_resolution_low             15.00 
_reflns.d_resolution_high            2.00 
_reflns.number_obs                   1566 
_reflns.number_all                   2360 
_reflns.percent_possible_obs         78.8 
_reflns.pdbx_Rmerge_I_obs            0.059 
_reflns.pdbx_Rsym_value              ? 
_reflns.pdbx_netI_over_sigmaI        8.35 
_reflns.B_iso_Wilson_estimate        29.312 
_reflns.pdbx_redundancy              4.79 
_reflns.R_free_details               ? 
_reflns.pdbx_diffrn_id               1 
_reflns.pdbx_ordinal                 1 
# 
_reflns_shell.d_res_high             2.00 
_reflns_shell.d_res_low              ? 
_reflns_shell.percent_possible_all   72.6 
_reflns_shell.Rmerge_I_obs           0.026 
_reflns_shell.pdbx_Rsym_value        ? 
_reflns_shell.meanI_over_sigI_obs    ? 
_reflns_shell.pdbx_redundancy        1.29 
_reflns_shell.percent_possible_obs   ? 
_reflns_shell.number_unique_all      ? 
_reflns_shell.pdbx_diffrn_id         ? 
_reflns_shell.pdbx_ordinal           1 
# 
_refine.entry_id                                 1EG6 
_refine.ls_number_reflns_obs                     1566 
_refine.ls_number_reflns_all                     2091 
_refine.pdbx_ls_sigma_I                          2. 
_refine.pdbx_ls_sigma_F                          4. 
_refine.pdbx_data_cutoff_high_absF               ? 
_refine.pdbx_data_cutoff_low_absF                ? 
_refine.pdbx_data_cutoff_high_rms_absF           ? 
_refine.ls_d_res_low                             15.00 
_refine.ls_d_res_high                            2.00 
_refine.ls_percent_reflns_obs                    78.81 
_refine.ls_R_factor_obs                          0.2276 
_refine.ls_R_factor_all                          0.2501 
_refine.ls_R_factor_R_work                       0.2276 
_refine.ls_R_factor_R_free                       0.3469 
_refine.ls_R_factor_R_free_error                 ? 
_refine.ls_R_factor_R_free_error_details         ? 
_refine.ls_percent_reflns_R_free                 6.6 
_refine.ls_number_reflns_R_free                  104 
_refine.ls_number_parameters                     ? 
_refine.ls_number_restraints                     ? 
_refine.occupancy_min                            ? 
_refine.occupancy_max                            ? 
_refine.B_iso_mean                               ? 
_refine.aniso_B[1][1]                            ? 
_refine.aniso_B[2][2]                            ? 
_refine.aniso_B[3][3]                            ? 
_refine.aniso_B[1][2]                            ? 
_refine.aniso_B[1][3]                            ? 
_refine.aniso_B[2][3]                            ? 
_refine.solvent_model_details                    ? 
_refine.solvent_model_param_ksol                 ? 
_refine.solvent_model_param_bsol                 ? 
_refine.pdbx_ls_cross_valid_method               THROUGHOUT 
_refine.details                                  ? 
_refine.pdbx_starting_model                      ? 
_refine.pdbx_method_to_determine_struct          ? 
_refine.pdbx_isotropic_thermal_model             ? 
_refine.pdbx_stereochemistry_target_values       0 
_refine.pdbx_stereochem_target_val_spec_case     ? 
_refine.pdbx_R_Free_selection_details            RANDOM 
_refine.pdbx_overall_ESU_R                       ? 
_refine.pdbx_overall_ESU_R_Free                  ? 
_refine.overall_SU_ML                            ? 
_refine.overall_SU_B                             ? 
_refine.ls_redundancy_reflns_obs                 ? 
_refine.correlation_coeff_Fo_to_Fc               ? 
_refine.correlation_coeff_Fo_to_Fc_free          ? 
_refine.overall_SU_R_Cruickshank_DPI             ? 
_refine.overall_SU_R_free                        ? 
_refine.pdbx_refine_id                           'X-RAY DIFFRACTION' 
_refine.pdbx_diffrn_id                           1 
_refine.pdbx_TLS_residual_ADP_flag               ? 
_refine.pdbx_solvent_vdw_probe_radii             ? 
_refine.pdbx_solvent_ion_probe_radii             ? 
_refine.pdbx_solvent_shrinkage_radii             ? 
_refine.pdbx_overall_phase_error                 ? 
_refine.pdbx_overall_SU_R_free_Cruickshank_DPI   ? 
_refine.pdbx_overall_SU_R_Blow_DPI               ? 
_refine.pdbx_overall_SU_R_free_Blow_DPI          ? 
# 
_refine_hist.pdbx_refine_id                   'X-RAY DIFFRACTION' 
_refine_hist.cycle_id                         LAST 
_refine_hist.pdbx_number_atoms_protein        0 
_refine_hist.pdbx_number_atoms_nucleic_acid   222 
_refine_hist.pdbx_number_atoms_ligand         50 
_refine_hist.number_atoms_solvent             37 
_refine_hist.number_atoms_total               309 
_refine_hist.d_res_high                       2.00 
_refine_hist.d_res_low                        15.00 
# 
_struct.entry_id                  1EG6 
_struct.title                     'CRYSTAL STRUCTURE ANALYSIS OF D(CG(5-BRU)ACG) COMPLEXES TO A PHENAZINE' 
_struct.pdbx_model_details        ? 
_struct.pdbx_CASP_flag            ? 
_struct.pdbx_model_type_details   ? 
# 
_struct_keywords.entry_id        1EG6 
_struct_keywords.pdbx_keywords   DNA 
_struct_keywords.text            'DRUG-DNA COMPLEX, INTERCALATION, MAJOR GROOVE BINDING, DOUBLE HELIX, DNA' 
# 
loop_
_struct_asym.id 
_struct_asym.pdbx_blank_PDB_chainid_flag 
_struct_asym.pdbx_modified 
_struct_asym.entity_id 
_struct_asym.details 
A N N 1 ? 
B N N 1 ? 
C N N 2 ? 
D N N 3 ? 
E N N 2 ? 
F N N 3 ? 
G N N 4 ? 
H N N 5 ? 
I N N 5 ? 
# 
_struct_ref.id                         1 
_struct_ref.entity_id                  1 
_struct_ref.db_name                    PDB 
_struct_ref.db_code                    1EG6 
_struct_ref.pdbx_db_accession          1EG6 
_struct_ref.pdbx_db_isoform            ? 
_struct_ref.pdbx_seq_one_letter_code   ? 
_struct_ref.pdbx_align_begin           ? 
# 
loop_
_struct_ref_seq.align_id 
_struct_ref_seq.ref_id 
_struct_ref_seq.pdbx_PDB_id_code 
_struct_ref_seq.pdbx_strand_id 
_struct_ref_seq.seq_align_beg 
_struct_ref_seq.pdbx_seq_align_beg_ins_code 
_struct_ref_seq.seq_align_end 
_struct_ref_seq.pdbx_seq_align_end_ins_code 
_struct_ref_seq.pdbx_db_accession 
_struct_ref_seq.db_align_beg 
_struct_ref_seq.pdbx_db_align_beg_ins_code 
_struct_ref_seq.db_align_end 
_struct_ref_seq.pdbx_db_align_end_ins_code 
_struct_ref_seq.pdbx_auth_seq_align_beg 
_struct_ref_seq.pdbx_auth_seq_align_end 
1 1 1EG6 A 1 ? 6 ? 1EG6 1 ? 6 ? 1 6 
2 1 1EG6 B 1 ? 6 ? 1EG6 1 ? 6 ? 1 6 
# 
_pdbx_struct_assembly.id                   1 
_pdbx_struct_assembly.details              author_defined_assembly 
_pdbx_struct_assembly.method_details       ? 
_pdbx_struct_assembly.oligomeric_details   dimeric 
_pdbx_struct_assembly.oligomeric_count     2 
# 
_pdbx_struct_assembly_gen.assembly_id       1 
_pdbx_struct_assembly_gen.oper_expression   1 
_pdbx_struct_assembly_gen.asym_id_list      A,B,C,D,E,F,G,H,I 
# 
_pdbx_struct_oper_list.id                   1 
_pdbx_struct_oper_list.type                 'identity operation' 
_pdbx_struct_oper_list.name                 1_555 
_pdbx_struct_oper_list.symmetry_operation   x,y,z 
_pdbx_struct_oper_list.matrix[1][1]         1.0000000000 
_pdbx_struct_oper_list.matrix[1][2]         0.0000000000 
_pdbx_struct_oper_list.matrix[1][3]         0.0000000000 
_pdbx_struct_oper_list.vector[1]            0.0000000000 
_pdbx_struct_oper_list.matrix[2][1]         0.0000000000 
_pdbx_struct_oper_list.matrix[2][2]         1.0000000000 
_pdbx_struct_oper_list.matrix[2][3]         0.0000000000 
_pdbx_struct_oper_list.vector[2]            0.0000000000 
_pdbx_struct_oper_list.matrix[3][1]         0.0000000000 
_pdbx_struct_oper_list.matrix[3][2]         0.0000000000 
_pdbx_struct_oper_list.matrix[3][3]         1.0000000000 
_pdbx_struct_oper_list.vector[3]            0.0000000000 
# 
_struct_biol.id                    1 
_struct_biol.pdbx_parent_biol_id   ? 
_struct_biol.details               ? 
# 
loop_
_struct_conn.id 
_struct_conn.conn_type_id 
_struct_conn.pdbx_leaving_atom_flag 
_struct_conn.pdbx_PDB_id 
_struct_conn.ptnr1_label_asym_id 
_struct_conn.ptnr1_label_comp_id 
_struct_conn.ptnr1_label_seq_id 
_struct_conn.ptnr1_label_atom_id 
_struct_conn.pdbx_ptnr1_label_alt_id 
_struct_conn.pdbx_ptnr1_PDB_ins_code 
_struct_conn.pdbx_ptnr1_standard_comp_id 
_struct_conn.ptnr1_symmetry 
_struct_conn.ptnr2_label_asym_id 
_struct_conn.ptnr2_label_comp_id 
_struct_conn.ptnr2_label_seq_id 
_struct_conn.ptnr2_label_atom_id 
_struct_conn.pdbx_ptnr2_label_alt_id 
_struct_conn.pdbx_ptnr2_PDB_ins_code 
_struct_conn.ptnr1_auth_asym_id 
_struct_conn.ptnr1_auth_comp_id 
_struct_conn.ptnr1_auth_seq_id 
_struct_conn.ptnr2_auth_asym_id 
_struct_conn.ptnr2_auth_comp_id 
_struct_conn.ptnr2_auth_seq_id 
_struct_conn.ptnr2_symmetry 
_struct_conn.pdbx_ptnr3_label_atom_id 
_struct_conn.pdbx_ptnr3_label_seq_id 
_struct_conn.pdbx_ptnr3_label_comp_id 
_struct_conn.pdbx_ptnr3_label_asym_id 
_struct_conn.pdbx_ptnr3_label_alt_id 
_struct_conn.pdbx_ptnr3_PDB_ins_code 
_struct_conn.details 
_struct_conn.pdbx_dist_value 
_struct_conn.pdbx_value_order 
_struct_conn.pdbx_role 
metalc1  metalc ? ? A DG  6 N7 ? ? ? 1_555 C 3CO . CO ? ? A DG  6  A 3CO 40 1_555 ? ? ? ? ? ? ?            2.079 ? ? 
metalc2  metalc ? ? C 3CO . CO ? ? ? 1_555 H HOH . O  ? ? A 3CO 40 A HOH 42 1_555 ? ? ? ? ? ? ?            2.059 ? ? 
metalc3  metalc ? ? C 3CO . CO ? ? ? 1_555 H HOH . O  ? ? A 3CO 40 A HOH 43 1_555 ? ? ? ? ? ? ?            2.111 ? ? 
metalc4  metalc ? ? B DG  2 N7 ? ? ? 1_555 E 3CO . CO ? ? B DG  2  B 3CO 43 1_555 ? ? ? ? ? ? ?            2.064 ? ? 
metalc5  metalc ? ? E 3CO . CO ? ? ? 1_555 I HOH . O  ? ? B 3CO 43 B HOH 51 1_555 ? ? ? ? ? ? ?            2.118 ? ? 
metalc6  metalc ? ? E 3CO . CO ? ? ? 1_555 I HOH . O  ? ? B 3CO 43 B HOH 52 1_555 ? ? ? ? ? ? ?            2.141 ? ? 
metalc7  metalc ? ? E 3CO . CO ? ? ? 1_555 I HOH . O  ? ? B 3CO 43 B HOH 53 1_555 ? ? ? ? ? ? ?            2.105 ? ? 
metalc8  metalc ? ? E 3CO . CO ? ? ? 1_555 I HOH . O  ? ? B 3CO 43 B HOH 54 1_555 ? ? ? ? ? ? ?            2.131 ? ? 
metalc9  metalc ? ? E 3CO . CO ? ? ? 1_555 I HOH . O  ? ? B 3CO 43 B HOH 55 1_555 ? ? ? ? ? ? ?            2.106 ? ? 
hydrog1  hydrog ? ? A DG  2 N1 ? ? ? 1_555 B DC  5 N3 ? ? A DG  2  B DC  5  1_555 ? ? ? ? ? ? WATSON-CRICK ?     ? ? 
hydrog2  hydrog ? ? A DG  2 N2 ? ? ? 1_555 B DC  5 O2 ? ? A DG  2  B DC  5  1_555 ? ? ? ? ? ? WATSON-CRICK ?     ? ? 
hydrog3  hydrog ? ? A DG  2 O6 ? ? ? 1_555 B DC  5 N4 ? ? A DG  2  B DC  5  1_555 ? ? ? ? ? ? WATSON-CRICK ?     ? ? 
hydrog4  hydrog ? ? A DU  3 N3 ? ? ? 1_555 B DA  4 N1 ? ? A DU  3  B DA  4  1_555 ? ? ? ? ? ? WATSON-CRICK ?     ? ? 
hydrog5  hydrog ? ? A DU  3 O4 ? ? ? 1_555 B DA  4 N6 ? ? A DU  3  B DA  4  1_555 ? ? ? ? ? ? WATSON-CRICK ?     ? ? 
hydrog6  hydrog ? ? A DA  4 N1 ? ? ? 1_555 B DU  3 N3 ? ? A DA  4  B DU  3  1_555 ? ? ? ? ? ? WATSON-CRICK ?     ? ? 
hydrog7  hydrog ? ? A DA  4 N6 ? ? ? 1_555 B DU  3 O4 ? ? A DA  4  B DU  3  1_555 ? ? ? ? ? ? WATSON-CRICK ?     ? ? 
hydrog8  hydrog ? ? A DC  5 N3 ? ? ? 1_555 B DG  2 N1 ? ? A DC  5  B DG  2  1_555 ? ? ? ? ? ? WATSON-CRICK ?     ? ? 
hydrog9  hydrog ? ? A DC  5 N4 ? ? ? 1_555 B DG  2 O6 ? ? A DC  5  B DG  2  1_555 ? ? ? ? ? ? WATSON-CRICK ?     ? ? 
hydrog10 hydrog ? ? A DC  5 O2 ? ? ? 1_555 B DG  2 N2 ? ? A DC  5  B DG  2  1_555 ? ? ? ? ? ? WATSON-CRICK ?     ? ? 
# 
loop_
_struct_conn_type.id 
_struct_conn_type.criteria 
_struct_conn_type.reference 
metalc ? ? 
hydrog ? ? 
# 
loop_
_pdbx_struct_conn_angle.id 
_pdbx_struct_conn_angle.ptnr1_label_atom_id 
_pdbx_struct_conn_angle.ptnr1_label_alt_id 
_pdbx_struct_conn_angle.ptnr1_label_asym_id 
_pdbx_struct_conn_angle.ptnr1_label_comp_id 
_pdbx_struct_conn_angle.ptnr1_label_seq_id 
_pdbx_struct_conn_angle.ptnr1_auth_atom_id 
_pdbx_struct_conn_angle.ptnr1_auth_asym_id 
_pdbx_struct_conn_angle.ptnr1_auth_comp_id 
_pdbx_struct_conn_angle.ptnr1_auth_seq_id 
_pdbx_struct_conn_angle.ptnr1_PDB_ins_code 
_pdbx_struct_conn_angle.ptnr1_symmetry 
_pdbx_struct_conn_angle.ptnr2_label_atom_id 
_pdbx_struct_conn_angle.ptnr2_label_alt_id 
_pdbx_struct_conn_angle.ptnr2_label_asym_id 
_pdbx_struct_conn_angle.ptnr2_label_comp_id 
_pdbx_struct_conn_angle.ptnr2_label_seq_id 
_pdbx_struct_conn_angle.ptnr2_auth_atom_id 
_pdbx_struct_conn_angle.ptnr2_auth_asym_id 
_pdbx_struct_conn_angle.ptnr2_auth_comp_id 
_pdbx_struct_conn_angle.ptnr2_auth_seq_id 
_pdbx_struct_conn_angle.ptnr2_PDB_ins_code 
_pdbx_struct_conn_angle.ptnr2_symmetry 
_pdbx_struct_conn_angle.ptnr3_label_atom_id 
_pdbx_struct_conn_angle.ptnr3_label_alt_id 
_pdbx_struct_conn_angle.ptnr3_label_asym_id 
_pdbx_struct_conn_angle.ptnr3_label_comp_id 
_pdbx_struct_conn_angle.ptnr3_label_seq_id 
_pdbx_struct_conn_angle.ptnr3_auth_atom_id 
_pdbx_struct_conn_angle.ptnr3_auth_asym_id 
_pdbx_struct_conn_angle.ptnr3_auth_comp_id 
_pdbx_struct_conn_angle.ptnr3_auth_seq_id 
_pdbx_struct_conn_angle.ptnr3_PDB_ins_code 
_pdbx_struct_conn_angle.ptnr3_symmetry 
_pdbx_struct_conn_angle.value 
_pdbx_struct_conn_angle.value_esd 
1  N7 ? A DG  6 ? A DG  6  ? 1_555 CO ? C 3CO . ? A 3CO 40 ? 1_555 O ? H HOH . ? A HOH 42 ? 1_555 81.0  ? 
2  N7 ? A DG  6 ? A DG  6  ? 1_555 CO ? C 3CO . ? A 3CO 40 ? 1_555 O ? H HOH . ? A HOH 43 ? 1_555 90.1  ? 
3  O  ? H HOH . ? A HOH 42 ? 1_555 CO ? C 3CO . ? A 3CO 40 ? 1_555 O ? H HOH . ? A HOH 43 ? 1_555 88.0  ? 
4  N7 ? B DG  2 ? B DG  2  ? 1_555 CO ? E 3CO . ? B 3CO 43 ? 1_555 O ? I HOH . ? B HOH 51 ? 1_555 101.0 ? 
5  N7 ? B DG  2 ? B DG  2  ? 1_555 CO ? E 3CO . ? B 3CO 43 ? 1_555 O ? I HOH . ? B HOH 52 ? 1_555 100.1 ? 
6  O  ? I HOH . ? B HOH 51 ? 1_555 CO ? E 3CO . ? B 3CO 43 ? 1_555 O ? I HOH . ? B HOH 52 ? 1_555 157.6 ? 
7  N7 ? B DG  2 ? B DG  2  ? 1_555 CO ? E 3CO . ? B 3CO 43 ? 1_555 O ? I HOH . ? B HOH 53 ? 1_555 175.7 ? 
8  O  ? I HOH . ? B HOH 51 ? 1_555 CO ? E 3CO . ? B 3CO 43 ? 1_555 O ? I HOH . ? B HOH 53 ? 1_555 77.8  ? 
9  O  ? I HOH . ? B HOH 52 ? 1_555 CO ? E 3CO . ? B 3CO 43 ? 1_555 O ? I HOH . ? B HOH 53 ? 1_555 81.7  ? 
10 N7 ? B DG  2 ? B DG  2  ? 1_555 CO ? E 3CO . ? B 3CO 43 ? 1_555 O ? I HOH . ? B HOH 54 ? 1_555 94.7  ? 
11 O  ? I HOH . ? B HOH 51 ? 1_555 CO ? E 3CO . ? B 3CO 43 ? 1_555 O ? I HOH . ? B HOH 54 ? 1_555 97.9  ? 
12 O  ? I HOH . ? B HOH 52 ? 1_555 CO ? E 3CO . ? B 3CO 43 ? 1_555 O ? I HOH . ? B HOH 54 ? 1_555 87.7  ? 
13 O  ? I HOH . ? B HOH 53 ? 1_555 CO ? E 3CO . ? B 3CO 43 ? 1_555 O ? I HOH . ? B HOH 54 ? 1_555 81.5  ? 
14 N7 ? B DG  2 ? B DG  2  ? 1_555 CO ? E 3CO . ? B 3CO 43 ? 1_555 O ? I HOH . ? B HOH 55 ? 1_555 75.2  ? 
15 O  ? I HOH . ? B HOH 51 ? 1_555 CO ? E 3CO . ? B 3CO 43 ? 1_555 O ? I HOH . ? B HOH 55 ? 1_555 99.1  ? 
16 O  ? I HOH . ? B HOH 52 ? 1_555 CO ? E 3CO . ? B 3CO 43 ? 1_555 O ? I HOH . ? B HOH 55 ? 1_555 79.2  ? 
17 O  ? I HOH . ? B HOH 53 ? 1_555 CO ? E 3CO . ? B 3CO 43 ? 1_555 O ? I HOH . ? B HOH 55 ? 1_555 109.0 ? 
18 O  ? I HOH . ? B HOH 54 ? 1_555 CO ? E 3CO . ? B 3CO 43 ? 1_555 O ? I HOH . ? B HOH 55 ? 1_555 161.6 ? 
# 
loop_
_struct_site.id 
_struct_site.pdbx_evidence_code 
_struct_site.pdbx_auth_asym_id 
_struct_site.pdbx_auth_comp_id 
_struct_site.pdbx_auth_seq_id 
_struct_site.pdbx_auth_ins_code 
_struct_site.pdbx_num_residues 
_struct_site.details 
AC1 Software A 3CO 40 ? 6 'BINDING SITE FOR RESIDUE 3CO A 40' 
AC2 Software B 3CO 43 ? 6 'BINDING SITE FOR RESIDUE 3CO B 43' 
AC3 Software A BR  41 ? 3 'BINDING SITE FOR RESIDUE BR A 41'  
AC4 Software B BR  44 ? 2 'BINDING SITE FOR RESIDUE BR B 44'  
AC5 Software B BFA 50 ? 8 'BINDING SITE FOR RESIDUE BFA B 50' 
1   ?        ? ?   ?  ? ? ?                                   
# 
loop_
_struct_site_gen.id 
_struct_site_gen.site_id 
_struct_site_gen.pdbx_num_res 
_struct_site_gen.label_comp_id 
_struct_site_gen.label_asym_id 
_struct_site_gen.label_seq_id 
_struct_site_gen.pdbx_auth_ins_code 
_struct_site_gen.auth_comp_id 
_struct_site_gen.auth_asym_id 
_struct_site_gen.auth_seq_id 
_struct_site_gen.label_atom_id 
_struct_site_gen.label_alt_id 
_struct_site_gen.symmetry 
_struct_site_gen.details 
1  AC1 6 DG  A 6 ? DG  A 6  . ? 1_555 ? 
2  AC1 6 DG  A 6 ? DG  A 6  . ? 3_656 ? 
3  AC1 6 HOH H . ? HOH A 42 . ? 3_656 ? 
4  AC1 6 HOH H . ? HOH A 42 . ? 1_555 ? 
5  AC1 6 HOH H . ? HOH A 43 . ? 3_656 ? 
6  AC1 6 HOH H . ? HOH A 43 . ? 1_555 ? 
7  AC2 6 DG  B 2 ? DG  B 2  . ? 1_555 ? 
8  AC2 6 HOH I . ? HOH B 51 . ? 1_555 ? 
9  AC2 6 HOH I . ? HOH B 52 . ? 1_555 ? 
10 AC2 6 HOH I . ? HOH B 53 . ? 1_555 ? 
11 AC2 6 HOH I . ? HOH B 54 . ? 1_555 ? 
12 AC2 6 HOH I . ? HOH B 55 . ? 1_555 ? 
13 AC3 3 DG  A 2 ? DG  A 2  . ? 1_555 ? 
14 AC3 3 DU  A 3 ? DU  A 3  . ? 1_555 ? 
15 AC3 3 HOH H . ? HOH A 49 . ? 1_555 ? 
16 AC4 2 DG  B 2 ? DG  B 2  . ? 1_555 ? 
17 AC4 2 DU  B 3 ? DU  B 3  . ? 1_555 ? 
18 AC5 8 DC  A 1 ? DC  A 1  . ? 3_555 ? 
19 AC5 8 DG  A 2 ? DG  A 2  . ? 1_555 ? 
20 AC5 8 DG  A 2 ? DG  A 2  . ? 2_565 ? 
21 AC5 8 DA  A 4 ? DA  A 4  . ? 2_565 ? 
22 AC5 8 DC  B 5 ? DC  B 5  . ? 1_555 ? 
23 AC5 8 DG  B 6 ? DG  B 6  . ? 1_555 ? 
24 AC5 8 HOH I . ? HOH B 62 . ? 1_555 ? 
25 AC5 8 HOH I . ? HOH B 65 . ? 1_555 ? 
# 
loop_
_pdbx_validate_close_contact.id 
_pdbx_validate_close_contact.PDB_model_num 
_pdbx_validate_close_contact.auth_atom_id_1 
_pdbx_validate_close_contact.auth_asym_id_1 
_pdbx_validate_close_contact.auth_comp_id_1 
_pdbx_validate_close_contact.auth_seq_id_1 
_pdbx_validate_close_contact.PDB_ins_code_1 
_pdbx_validate_close_contact.label_alt_id_1 
_pdbx_validate_close_contact.auth_atom_id_2 
_pdbx_validate_close_contact.auth_asym_id_2 
_pdbx_validate_close_contact.auth_comp_id_2 
_pdbx_validate_close_contact.auth_seq_id_2 
_pdbx_validate_close_contact.PDB_ins_code_2 
_pdbx_validate_close_contact.label_alt_id_2 
_pdbx_validate_close_contact.dist 
1 1 C5 A DU 3 ? ? BR A BR 41 ? ? 1.96 
2 1 C5 B DU 3 ? ? BR B BR 44 ? ? 1.96 
# 
loop_
_pdbx_validate_rmsd_bond.id 
_pdbx_validate_rmsd_bond.PDB_model_num 
_pdbx_validate_rmsd_bond.auth_atom_id_1 
_pdbx_validate_rmsd_bond.auth_asym_id_1 
_pdbx_validate_rmsd_bond.auth_comp_id_1 
_pdbx_validate_rmsd_bond.auth_seq_id_1 
_pdbx_validate_rmsd_bond.PDB_ins_code_1 
_pdbx_validate_rmsd_bond.label_alt_id_1 
_pdbx_validate_rmsd_bond.auth_atom_id_2 
_pdbx_validate_rmsd_bond.auth_asym_id_2 
_pdbx_validate_rmsd_bond.auth_comp_id_2 
_pdbx_validate_rmsd_bond.auth_seq_id_2 
_pdbx_validate_rmsd_bond.PDB_ins_code_2 
_pdbx_validate_rmsd_bond.label_alt_id_2 
_pdbx_validate_rmsd_bond.bond_value 
_pdbx_validate_rmsd_bond.bond_target_value 
_pdbx_validate_rmsd_bond.bond_deviation 
_pdbx_validate_rmsd_bond.bond_standard_deviation 
_pdbx_validate_rmsd_bond.linker_flag 
1 1 "C1'" A DG 2 ? ? N9    A DG 2 ? ? 1.587 1.488 0.099 0.013 N 
2 1 "O4'" A DU 3 ? ? "C1'" A DU 3 ? ? 1.492 1.420 0.072 0.011 N 
3 1 "O4'" A DA 4 ? ? "C1'" A DA 4 ? ? 1.488 1.420 0.068 0.011 N 
4 1 "O4'" A DG 6 ? ? "C1'" A DG 6 ? ? 1.494 1.420 0.074 0.011 N 
5 1 "C1'" A DG 6 ? ? N9    A DG 6 ? ? 1.591 1.488 0.103 0.013 N 
6 1 "C1'" B DG 2 ? ? N9    B DG 2 ? ? 1.567 1.488 0.079 0.013 N 
7 1 "O4'" B DU 3 ? ? "C1'" B DU 3 ? ? 1.486 1.420 0.066 0.011 N 
8 1 "C1'" B DG 6 ? ? N9    B DG 6 ? ? 1.569 1.488 0.081 0.013 N 
# 
loop_
_pdbx_validate_rmsd_angle.id 
_pdbx_validate_rmsd_angle.PDB_model_num 
_pdbx_validate_rmsd_angle.auth_atom_id_1 
_pdbx_validate_rmsd_angle.auth_asym_id_1 
_pdbx_validate_rmsd_angle.auth_comp_id_1 
_pdbx_validate_rmsd_angle.auth_seq_id_1 
_pdbx_validate_rmsd_angle.PDB_ins_code_1 
_pdbx_validate_rmsd_angle.label_alt_id_1 
_pdbx_validate_rmsd_angle.auth_atom_id_2 
_pdbx_validate_rmsd_angle.auth_asym_id_2 
_pdbx_validate_rmsd_angle.auth_comp_id_2 
_pdbx_validate_rmsd_angle.auth_seq_id_2 
_pdbx_validate_rmsd_angle.PDB_ins_code_2 
_pdbx_validate_rmsd_angle.label_alt_id_2 
_pdbx_validate_rmsd_angle.auth_atom_id_3 
_pdbx_validate_rmsd_angle.auth_asym_id_3 
_pdbx_validate_rmsd_angle.auth_comp_id_3 
_pdbx_validate_rmsd_angle.auth_seq_id_3 
_pdbx_validate_rmsd_angle.PDB_ins_code_3 
_pdbx_validate_rmsd_angle.label_alt_id_3 
_pdbx_validate_rmsd_angle.angle_value 
_pdbx_validate_rmsd_angle.angle_target_value 
_pdbx_validate_rmsd_angle.angle_deviation 
_pdbx_validate_rmsd_angle.angle_standard_deviation 
_pdbx_validate_rmsd_angle.linker_flag 
1  1 N1    A DC 1 ? ? "C1'" A DC 1 ? ? "C2'" A DC 1 ? ? 123.97 114.30 9.67  1.40 N 
2  1 "O4'" A DG 2 ? ? "C1'" A DG 2 ? ? N9    A DG 2 ? ? 102.35 108.00 -5.65 0.70 N 
3  1 P     A DU 3 ? ? "O5'" A DU 3 ? ? "C5'" A DU 3 ? ? 132.22 120.90 11.32 1.60 N 
4  1 "C5'" A DU 3 ? ? "C4'" A DU 3 ? ? "O4'" A DU 3 ? ? 117.17 109.80 7.37  1.10 N 
5  1 C5    A DU 3 ? ? C4    A DU 3 ? ? O4    A DU 3 ? ? 121.85 125.90 -4.05 0.60 N 
6  1 "C3'" A DU 3 ? ? "O3'" A DU 3 ? ? P     A DA 4 ? ? 137.37 119.70 17.67 1.20 Y 
7  1 "O4'" A DA 4 ? ? "C1'" A DA 4 ? ? N9    A DA 4 ? ? 103.35 108.00 -4.65 0.70 N 
8  1 N1    A DC 5 ? ? "C1'" A DC 5 ? ? "C2'" A DC 5 ? ? 128.79 114.30 14.49 1.40 N 
9  1 "C3'" A DC 5 ? ? "O3'" A DC 5 ? ? P     A DG 6 ? ? 128.73 119.70 9.03  1.20 Y 
10 1 "O4'" A DG 6 ? ? "C1'" A DG 6 ? ? N9    A DG 6 ? ? 100.31 108.00 -7.69 0.70 N 
11 1 N9    B DG 2 ? ? "C1'" B DG 2 ? ? "C2'" B DG 2 ? ? 124.16 114.30 9.86  1.40 N 
12 1 "O4'" B DG 2 ? ? "C1'" B DG 2 ? ? N9    B DG 2 ? ? 98.48  108.00 -9.52 0.70 N 
13 1 N1    B DU 3 ? ? "C1'" B DU 3 ? ? "C2'" B DU 3 ? ? 130.05 114.30 15.75 1.40 N 
14 1 "C3'" B DU 3 ? ? "O3'" B DU 3 ? ? P     B DA 4 ? ? 129.75 119.70 10.05 1.20 Y 
15 1 N9    B DA 4 ? ? "C1'" B DA 4 ? ? "C2'" B DA 4 ? ? 122.90 114.30 8.60  1.40 N 
16 1 "O4'" B DA 4 ? ? "C1'" B DA 4 ? ? N9    B DA 4 ? ? 110.16 108.30 1.86  0.30 N 
17 1 C2    B DA 4 ? ? N3    B DA 4 ? ? C4    B DA 4 ? ? 113.93 110.60 3.33  0.50 N 
18 1 "C3'" B DA 4 ? ? "O3'" B DA 4 ? ? P     B DC 5 ? ? 135.41 119.70 15.71 1.20 Y 
19 1 P     B DC 5 ? ? "O5'" B DC 5 ? ? "C5'" B DC 5 ? ? 134.30 120.90 13.40 1.60 N 
20 1 C6    B DC 5 ? ? N1    B DC 5 ? ? C2    B DC 5 ? ? 123.04 120.30 2.74  0.40 N 
21 1 P     B DG 6 ? ? "O5'" B DG 6 ? ? "C5'" B DG 6 ? ? 130.53 120.90 9.63  1.60 N 
# 
_struct_site_keywords.site_id   1 
_struct_site_keywords.text      'INTERCALATION, GROOVE BINDER' 
# 
loop_
_pdbx_struct_special_symmetry.id 
_pdbx_struct_special_symmetry.PDB_model_num 
_pdbx_struct_special_symmetry.auth_asym_id 
_pdbx_struct_special_symmetry.auth_comp_id 
_pdbx_struct_special_symmetry.auth_seq_id 
_pdbx_struct_special_symmetry.PDB_ins_code 
_pdbx_struct_special_symmetry.label_asym_id 
_pdbx_struct_special_symmetry.label_comp_id 
_pdbx_struct_special_symmetry.label_seq_id 
1 1 A 3CO 40 ? C 3CO . 
2 1 B BFA 50 ? G BFA . 
3 1 A HOH 56 ? H HOH . 
# 
_pdbx_unobs_or_zero_occ_residues.id               1 
_pdbx_unobs_or_zero_occ_residues.PDB_model_num    1 
_pdbx_unobs_or_zero_occ_residues.polymer_flag     Y 
_pdbx_unobs_or_zero_occ_residues.occupancy_flag   1 
_pdbx_unobs_or_zero_occ_residues.auth_asym_id     B 
_pdbx_unobs_or_zero_occ_residues.auth_comp_id     DC 
_pdbx_unobs_or_zero_occ_residues.auth_seq_id      1 
_pdbx_unobs_or_zero_occ_residues.PDB_ins_code     ? 
_pdbx_unobs_or_zero_occ_residues.label_asym_id    B 
_pdbx_unobs_or_zero_occ_residues.label_comp_id    DC 
_pdbx_unobs_or_zero_occ_residues.label_seq_id     1 
# 
loop_
_chem_comp_atom.comp_id 
_chem_comp_atom.atom_id 
_chem_comp_atom.type_symbol 
_chem_comp_atom.pdbx_aromatic_flag 
_chem_comp_atom.pdbx_stereo_config 
_chem_comp_atom.pdbx_ordinal 
3CO CO     CO N N 1   
BFA BR     BR N N 2   
BFA C4     C  Y N 3   
BFA C3     C  Y N 4   
BFA C2     C  Y N 5   
BFA C1     C  Y N 6   
BFA N9     N  Y N 7   
BFA C8     C  Y N 8   
BFA C7     C  Y N 9   
BFA C6     C  Y N 10  
BFA C5     C  Y N 11  
BFA C12    C  Y N 12  
BFA C11    C  Y N 13  
BFA C13    C  Y N 14  
BFA C14    C  Y N 15  
BFA N10    N  Y N 16  
BFA CD1    C  N N 17  
BFA OD1    O  N N 18  
BFA ND1    N  N N 19  
BFA CD2    C  N N 20  
BFA CD3    C  N N 21  
BFA ND2    N  N N 22  
BFA CD7    C  N N 23  
BFA CD8    C  N N 24  
BFA H3     H  N N 25  
BFA H2     H  N N 26  
BFA H1     H  N N 27  
BFA H8     H  N N 28  
BFA H7     H  N N 29  
BFA H6     H  N N 30  
BFA HN1    H  N N 31  
BFA HD21   H  N N 32  
BFA HD22   H  N N 33  
BFA HD31   H  N N 34  
BFA HD32   H  N N 35  
BFA HD71   H  N N 36  
BFA HD72   H  N N 37  
BFA HD73   H  N N 38  
BFA HD81   H  N N 39  
BFA HD82   H  N N 40  
BFA HD83   H  N N 41  
BR  BR     BR N N 42  
DA  OP3    O  N N 43  
DA  P      P  N N 44  
DA  OP1    O  N N 45  
DA  OP2    O  N N 46  
DA  "O5'"  O  N N 47  
DA  "C5'"  C  N N 48  
DA  "C4'"  C  N R 49  
DA  "O4'"  O  N N 50  
DA  "C3'"  C  N S 51  
DA  "O3'"  O  N N 52  
DA  "C2'"  C  N N 53  
DA  "C1'"  C  N R 54  
DA  N9     N  Y N 55  
DA  C8     C  Y N 56  
DA  N7     N  Y N 57  
DA  C5     C  Y N 58  
DA  C6     C  Y N 59  
DA  N6     N  N N 60  
DA  N1     N  Y N 61  
DA  C2     C  Y N 62  
DA  N3     N  Y N 63  
DA  C4     C  Y N 64  
DA  HOP3   H  N N 65  
DA  HOP2   H  N N 66  
DA  "H5'"  H  N N 67  
DA  "H5''" H  N N 68  
DA  "H4'"  H  N N 69  
DA  "H3'"  H  N N 70  
DA  "HO3'" H  N N 71  
DA  "H2'"  H  N N 72  
DA  "H2''" H  N N 73  
DA  "H1'"  H  N N 74  
DA  H8     H  N N 75  
DA  H61    H  N N 76  
DA  H62    H  N N 77  
DA  H2     H  N N 78  
DC  OP3    O  N N 79  
DC  P      P  N N 80  
DC  OP1    O  N N 81  
DC  OP2    O  N N 82  
DC  "O5'"  O  N N 83  
DC  "C5'"  C  N N 84  
DC  "C4'"  C  N R 85  
DC  "O4'"  O  N N 86  
DC  "C3'"  C  N S 87  
DC  "O3'"  O  N N 88  
DC  "C2'"  C  N N 89  
DC  "C1'"  C  N R 90  
DC  N1     N  N N 91  
DC  C2     C  N N 92  
DC  O2     O  N N 93  
DC  N3     N  N N 94  
DC  C4     C  N N 95  
DC  N4     N  N N 96  
DC  C5     C  N N 97  
DC  C6     C  N N 98  
DC  HOP3   H  N N 99  
DC  HOP2   H  N N 100 
DC  "H5'"  H  N N 101 
DC  "H5''" H  N N 102 
DC  "H4'"  H  N N 103 
DC  "H3'"  H  N N 104 
DC  "HO3'" H  N N 105 
DC  "H2'"  H  N N 106 
DC  "H2''" H  N N 107 
DC  "H1'"  H  N N 108 
DC  H41    H  N N 109 
DC  H42    H  N N 110 
DC  H5     H  N N 111 
DC  H6     H  N N 112 
DG  OP3    O  N N 113 
DG  P      P  N N 114 
DG  OP1    O  N N 115 
DG  OP2    O  N N 116 
DG  "O5'"  O  N N 117 
DG  "C5'"  C  N N 118 
DG  "C4'"  C  N R 119 
DG  "O4'"  O  N N 120 
DG  "C3'"  C  N S 121 
DG  "O3'"  O  N N 122 
DG  "C2'"  C  N N 123 
DG  "C1'"  C  N R 124 
DG  N9     N  Y N 125 
DG  C8     C  Y N 126 
DG  N7     N  Y N 127 
DG  C5     C  Y N 128 
DG  C6     C  N N 129 
DG  O6     O  N N 130 
DG  N1     N  N N 131 
DG  C2     C  N N 132 
DG  N2     N  N N 133 
DG  N3     N  N N 134 
DG  C4     C  Y N 135 
DG  HOP3   H  N N 136 
DG  HOP2   H  N N 137 
DG  "H5'"  H  N N 138 
DG  "H5''" H  N N 139 
DG  "H4'"  H  N N 140 
DG  "H3'"  H  N N 141 
DG  "HO3'" H  N N 142 
DG  "H2'"  H  N N 143 
DG  "H2''" H  N N 144 
DG  "H1'"  H  N N 145 
DG  H8     H  N N 146 
DG  H1     H  N N 147 
DG  H21    H  N N 148 
DG  H22    H  N N 149 
DU  OP3    O  N N 150 
DU  P      P  N N 151 
DU  OP1    O  N N 152 
DU  OP2    O  N N 153 
DU  "O5'"  O  N N 154 
DU  "C5'"  C  N N 155 
DU  "C4'"  C  N R 156 
DU  "O4'"  O  N N 157 
DU  "C3'"  C  N S 158 
DU  "O3'"  O  N N 159 
DU  "C2'"  C  N N 160 
DU  "C1'"  C  N R 161 
DU  N1     N  N N 162 
DU  C2     C  N N 163 
DU  O2     O  N N 164 
DU  N3     N  N N 165 
DU  C4     C  N N 166 
DU  O4     O  N N 167 
DU  C5     C  N N 168 
DU  C6     C  N N 169 
DU  HOP3   H  N N 170 
DU  HOP2   H  N N 171 
DU  "H5'"  H  N N 172 
DU  "H5''" H  N N 173 
DU  "H4'"  H  N N 174 
DU  "H3'"  H  N N 175 
DU  "HO3'" H  N N 176 
DU  "H2'"  H  N N 177 
DU  "H2''" H  N N 178 
DU  "H1'"  H  N N 179 
DU  H3     H  N N 180 
DU  H5     H  N N 181 
DU  H6     H  N N 182 
HOH O      O  N N 183 
HOH H1     H  N N 184 
HOH H2     H  N N 185 
# 
loop_
_chem_comp_bond.comp_id 
_chem_comp_bond.atom_id_1 
_chem_comp_bond.atom_id_2 
_chem_comp_bond.value_order 
_chem_comp_bond.pdbx_aromatic_flag 
_chem_comp_bond.pdbx_stereo_config 
_chem_comp_bond.pdbx_ordinal 
BFA BR    C5     sing N N 1   
BFA C4    C3     doub Y N 2   
BFA C4    C12    sing Y N 3   
BFA C4    CD1    sing N N 4   
BFA C3    C2     sing Y N 5   
BFA C3    H3     sing N N 6   
BFA C2    C1     doub Y N 7   
BFA C2    H2     sing N N 8   
BFA C1    C11    sing Y N 9   
BFA C1    H1     sing N N 10  
BFA N9    C11    doub Y N 11  
BFA N9    C13    sing Y N 12  
BFA C8    C7     doub Y N 13  
BFA C8    C13    sing Y N 14  
BFA C8    H8     sing N N 15  
BFA C7    C6     sing Y N 16  
BFA C7    H7     sing N N 17  
BFA C6    C5     doub Y N 18  
BFA C6    H6     sing N N 19  
BFA C5    C14    sing Y N 20  
BFA C12   C11    sing Y N 21  
BFA C12   N10    doub Y N 22  
BFA C13   C14    doub Y N 23  
BFA C14   N10    sing Y N 24  
BFA CD1   OD1    doub N N 25  
BFA CD1   ND1    sing N N 26  
BFA ND1   CD2    sing N N 27  
BFA ND1   HN1    sing N N 28  
BFA CD2   CD3    sing N N 29  
BFA CD2   HD21   sing N N 30  
BFA CD2   HD22   sing N N 31  
BFA CD3   ND2    sing N N 32  
BFA CD3   HD31   sing N N 33  
BFA CD3   HD32   sing N N 34  
BFA ND2   CD7    sing N N 35  
BFA ND2   CD8    sing N N 36  
BFA CD7   HD71   sing N N 37  
BFA CD7   HD72   sing N N 38  
BFA CD7   HD73   sing N N 39  
BFA CD8   HD81   sing N N 40  
BFA CD8   HD82   sing N N 41  
BFA CD8   HD83   sing N N 42  
DA  OP3   P      sing N N 43  
DA  OP3   HOP3   sing N N 44  
DA  P     OP1    doub N N 45  
DA  P     OP2    sing N N 46  
DA  P     "O5'"  sing N N 47  
DA  OP2   HOP2   sing N N 48  
DA  "O5'" "C5'"  sing N N 49  
DA  "C5'" "C4'"  sing N N 50  
DA  "C5'" "H5'"  sing N N 51  
DA  "C5'" "H5''" sing N N 52  
DA  "C4'" "O4'"  sing N N 53  
DA  "C4'" "C3'"  sing N N 54  
DA  "C4'" "H4'"  sing N N 55  
DA  "O4'" "C1'"  sing N N 56  
DA  "C3'" "O3'"  sing N N 57  
DA  "C3'" "C2'"  sing N N 58  
DA  "C3'" "H3'"  sing N N 59  
DA  "O3'" "HO3'" sing N N 60  
DA  "C2'" "C1'"  sing N N 61  
DA  "C2'" "H2'"  sing N N 62  
DA  "C2'" "H2''" sing N N 63  
DA  "C1'" N9     sing N N 64  
DA  "C1'" "H1'"  sing N N 65  
DA  N9    C8     sing Y N 66  
DA  N9    C4     sing Y N 67  
DA  C8    N7     doub Y N 68  
DA  C8    H8     sing N N 69  
DA  N7    C5     sing Y N 70  
DA  C5    C6     sing Y N 71  
DA  C5    C4     doub Y N 72  
DA  C6    N6     sing N N 73  
DA  C6    N1     doub Y N 74  
DA  N6    H61    sing N N 75  
DA  N6    H62    sing N N 76  
DA  N1    C2     sing Y N 77  
DA  C2    N3     doub Y N 78  
DA  C2    H2     sing N N 79  
DA  N3    C4     sing Y N 80  
DC  OP3   P      sing N N 81  
DC  OP3   HOP3   sing N N 82  
DC  P     OP1    doub N N 83  
DC  P     OP2    sing N N 84  
DC  P     "O5'"  sing N N 85  
DC  OP2   HOP2   sing N N 86  
DC  "O5'" "C5'"  sing N N 87  
DC  "C5'" "C4'"  sing N N 88  
DC  "C5'" "H5'"  sing N N 89  
DC  "C5'" "H5''" sing N N 90  
DC  "C4'" "O4'"  sing N N 91  
DC  "C4'" "C3'"  sing N N 92  
DC  "C4'" "H4'"  sing N N 93  
DC  "O4'" "C1'"  sing N N 94  
DC  "C3'" "O3'"  sing N N 95  
DC  "C3'" "C2'"  sing N N 96  
DC  "C3'" "H3'"  sing N N 97  
DC  "O3'" "HO3'" sing N N 98  
DC  "C2'" "C1'"  sing N N 99  
DC  "C2'" "H2'"  sing N N 100 
DC  "C2'" "H2''" sing N N 101 
DC  "C1'" N1     sing N N 102 
DC  "C1'" "H1'"  sing N N 103 
DC  N1    C2     sing N N 104 
DC  N1    C6     sing N N 105 
DC  C2    O2     doub N N 106 
DC  C2    N3     sing N N 107 
DC  N3    C4     doub N N 108 
DC  C4    N4     sing N N 109 
DC  C4    C5     sing N N 110 
DC  N4    H41    sing N N 111 
DC  N4    H42    sing N N 112 
DC  C5    C6     doub N N 113 
DC  C5    H5     sing N N 114 
DC  C6    H6     sing N N 115 
DG  OP3   P      sing N N 116 
DG  OP3   HOP3   sing N N 117 
DG  P     OP1    doub N N 118 
DG  P     OP2    sing N N 119 
DG  P     "O5'"  sing N N 120 
DG  OP2   HOP2   sing N N 121 
DG  "O5'" "C5'"  sing N N 122 
DG  "C5'" "C4'"  sing N N 123 
DG  "C5'" "H5'"  sing N N 124 
DG  "C5'" "H5''" sing N N 125 
DG  "C4'" "O4'"  sing N N 126 
DG  "C4'" "C3'"  sing N N 127 
DG  "C4'" "H4'"  sing N N 128 
DG  "O4'" "C1'"  sing N N 129 
DG  "C3'" "O3'"  sing N N 130 
DG  "C3'" "C2'"  sing N N 131 
DG  "C3'" "H3'"  sing N N 132 
DG  "O3'" "HO3'" sing N N 133 
DG  "C2'" "C1'"  sing N N 134 
DG  "C2'" "H2'"  sing N N 135 
DG  "C2'" "H2''" sing N N 136 
DG  "C1'" N9     sing N N 137 
DG  "C1'" "H1'"  sing N N 138 
DG  N9    C8     sing Y N 139 
DG  N9    C4     sing Y N 140 
DG  C8    N7     doub Y N 141 
DG  C8    H8     sing N N 142 
DG  N7    C5     sing Y N 143 
DG  C5    C6     sing N N 144 
DG  C5    C4     doub Y N 145 
DG  C6    O6     doub N N 146 
DG  C6    N1     sing N N 147 
DG  N1    C2     sing N N 148 
DG  N1    H1     sing N N 149 
DG  C2    N2     sing N N 150 
DG  C2    N3     doub N N 151 
DG  N2    H21    sing N N 152 
DG  N2    H22    sing N N 153 
DG  N3    C4     sing N N 154 
DU  OP3   P      sing N N 155 
DU  OP3   HOP3   sing N N 156 
DU  P     OP1    doub N N 157 
DU  P     OP2    sing N N 158 
DU  P     "O5'"  sing N N 159 
DU  OP2   HOP2   sing N N 160 
DU  "O5'" "C5'"  sing N N 161 
DU  "C5'" "C4'"  sing N N 162 
DU  "C5'" "H5'"  sing N N 163 
DU  "C5'" "H5''" sing N N 164 
DU  "C4'" "O4'"  sing N N 165 
DU  "C4'" "C3'"  sing N N 166 
DU  "C4'" "H4'"  sing N N 167 
DU  "O4'" "C1'"  sing N N 168 
DU  "C3'" "O3'"  sing N N 169 
DU  "C3'" "C2'"  sing N N 170 
DU  "C3'" "H3'"  sing N N 171 
DU  "O3'" "HO3'" sing N N 172 
DU  "C2'" "C1'"  sing N N 173 
DU  "C2'" "H2'"  sing N N 174 
DU  "C2'" "H2''" sing N N 175 
DU  "C1'" N1     sing N N 176 
DU  "C1'" "H1'"  sing N N 177 
DU  N1    C2     sing N N 178 
DU  N1    C6     sing N N 179 
DU  C2    O2     doub N N 180 
DU  C2    N3     sing N N 181 
DU  N3    C4     sing N N 182 
DU  N3    H3     sing N N 183 
DU  C4    O4     doub N N 184 
DU  C4    C5     sing N N 185 
DU  C5    C6     doub N N 186 
DU  C5    H5     sing N N 187 
DU  C6    H6     sing N N 188 
HOH O     H1     sing N N 189 
HOH O     H2     sing N N 190 
# 
loop_
_ndb_struct_conf_na.entry_id 
_ndb_struct_conf_na.feature 
1EG6 'double helix'        
1EG6 'b-form double helix' 
# 
loop_
_ndb_struct_na_base_pair.model_number 
_ndb_struct_na_base_pair.i_label_asym_id 
_ndb_struct_na_base_pair.i_label_comp_id 
_ndb_struct_na_base_pair.i_label_seq_id 
_ndb_struct_na_base_pair.i_symmetry 
_ndb_struct_na_base_pair.j_label_asym_id 
_ndb_struct_na_base_pair.j_label_comp_id 
_ndb_struct_na_base_pair.j_label_seq_id 
_ndb_struct_na_base_pair.j_symmetry 
_ndb_struct_na_base_pair.shear 
_ndb_struct_na_base_pair.stretch 
_ndb_struct_na_base_pair.stagger 
_ndb_struct_na_base_pair.buckle 
_ndb_struct_na_base_pair.propeller 
_ndb_struct_na_base_pair.opening 
_ndb_struct_na_base_pair.pair_number 
_ndb_struct_na_base_pair.pair_name 
_ndb_struct_na_base_pair.i_auth_asym_id 
_ndb_struct_na_base_pair.i_auth_seq_id 
_ndb_struct_na_base_pair.i_PDB_ins_code 
_ndb_struct_na_base_pair.j_auth_asym_id 
_ndb_struct_na_base_pair.j_auth_seq_id 
_ndb_struct_na_base_pair.j_PDB_ins_code 
_ndb_struct_na_base_pair.hbond_type_28 
_ndb_struct_na_base_pair.hbond_type_12 
1 A DG 2 1_555 B DC 5 1_555 -0.642 -0.057 -0.246 -8.892 3.297  9.981  1 A_DG2:DC5_B A 2 ? B 5 ? 19 1 
1 A DU 3 1_555 B DA 4 1_555 0.071  -0.035 -0.352 3.861  2.658  -0.991 2 A_DU3:DA4_B A 3 ? B 4 ? 20 1 
1 A DA 4 1_555 B DU 3 1_555 0.047  0.069  0.137  -3.117 -0.497 5.705  3 A_DA4:DU3_B A 4 ? B 3 ? 20 1 
1 A DC 5 1_555 B DG 2 1_555 0.344  -0.161 -0.175 9.797  9.877  -0.488 4 A_DC5:DG2_B A 5 ? B 2 ? 19 1 
# 
loop_
_ndb_struct_na_base_pair_step.model_number 
_ndb_struct_na_base_pair_step.i_label_asym_id_1 
_ndb_struct_na_base_pair_step.i_label_comp_id_1 
_ndb_struct_na_base_pair_step.i_label_seq_id_1 
_ndb_struct_na_base_pair_step.i_symmetry_1 
_ndb_struct_na_base_pair_step.j_label_asym_id_1 
_ndb_struct_na_base_pair_step.j_label_comp_id_1 
_ndb_struct_na_base_pair_step.j_label_seq_id_1 
_ndb_struct_na_base_pair_step.j_symmetry_1 
_ndb_struct_na_base_pair_step.i_label_asym_id_2 
_ndb_struct_na_base_pair_step.i_label_comp_id_2 
_ndb_struct_na_base_pair_step.i_label_seq_id_2 
_ndb_struct_na_base_pair_step.i_symmetry_2 
_ndb_struct_na_base_pair_step.j_label_asym_id_2 
_ndb_struct_na_base_pair_step.j_label_comp_id_2 
_ndb_struct_na_base_pair_step.j_label_seq_id_2 
_ndb_struct_na_base_pair_step.j_symmetry_2 
_ndb_struct_na_base_pair_step.shift 
_ndb_struct_na_base_pair_step.slide 
_ndb_struct_na_base_pair_step.rise 
_ndb_struct_na_base_pair_step.tilt 
_ndb_struct_na_base_pair_step.roll 
_ndb_struct_na_base_pair_step.twist 
_ndb_struct_na_base_pair_step.x_displacement 
_ndb_struct_na_base_pair_step.y_displacement 
_ndb_struct_na_base_pair_step.helical_rise 
_ndb_struct_na_base_pair_step.inclination 
_ndb_struct_na_base_pair_step.tip 
_ndb_struct_na_base_pair_step.helical_twist 
_ndb_struct_na_base_pair_step.step_number 
_ndb_struct_na_base_pair_step.step_name 
_ndb_struct_na_base_pair_step.i_auth_asym_id_1 
_ndb_struct_na_base_pair_step.i_auth_seq_id_1 
_ndb_struct_na_base_pair_step.i_PDB_ins_code_1 
_ndb_struct_na_base_pair_step.j_auth_asym_id_1 
_ndb_struct_na_base_pair_step.j_auth_seq_id_1 
_ndb_struct_na_base_pair_step.j_PDB_ins_code_1 
_ndb_struct_na_base_pair_step.i_auth_asym_id_2 
_ndb_struct_na_base_pair_step.i_auth_seq_id_2 
_ndb_struct_na_base_pair_step.i_PDB_ins_code_2 
_ndb_struct_na_base_pair_step.j_auth_asym_id_2 
_ndb_struct_na_base_pair_step.j_auth_seq_id_2 
_ndb_struct_na_base_pair_step.j_PDB_ins_code_2 
1 A DG 2 1_555 B DC 5 1_555 A DU 3 1_555 B DA 4 1_555 -1.174 -0.340 3.025 1.478  5.491 28.797 -1.743 2.606  2.850 10.908 -2.937 
29.341 1 AA_DG2DU3:DA4DC5_BB A 2 ? B 5 ? A 3 ? B 4 ? 
1 A DU 3 1_555 B DA 4 1_555 A DA 4 1_555 B DU 3 1_555 0.198  -0.568 3.364 -5.220 1.549 37.199 -1.088 -1.002 3.282 2.412  8.129  
37.581 2 AA_DU3DA4:DU3DA4_BB A 3 ? B 4 ? A 4 ? B 3 ? 
1 A DA 4 1_555 B DU 3 1_555 A DC 5 1_555 B DG 2 1_555 0.091  -0.259 3.209 3.556  2.971 25.810 -1.356 0.740  3.144 6.583  -7.880 
26.215 3 AA_DA4DC5:DG2DU3_BB A 4 ? B 3 ? A 5 ? B 2 ? 
# 
_atom_sites.entry_id                    1EG6 
_atom_sites.fract_transf_matrix[1][1]   -0.00697292 
_atom_sites.fract_transf_matrix[1][2]   0.02896308 
_atom_sites.fract_transf_matrix[1][3]   0.01636577 
_atom_sites.fract_transf_matrix[2][1]   -0.01413017 
_atom_sites.fract_transf_matrix[2][2]   -0.00843552 
_atom_sites.fract_transf_matrix[2][3]   0.00890824 
_atom_sites.fract_transf_matrix[3][1]   0.01506968 
_atom_sites.fract_transf_matrix[3][2]   -0.00643534 
_atom_sites.fract_transf_matrix[3][3]   0.01780954 
_atom_sites.fract_transf_vector[1]      0.081422 
_atom_sites.fract_transf_vector[2]      0.357728 
_atom_sites.fract_transf_vector[3]      0.253620 
# 
loop_
_atom_type.symbol 
BR 
C  
CO 
N  
O  
P  
# 
loop_
_atom_site.group_PDB 
_atom_site.id 
_atom_site.type_symbol 
_atom_site.label_atom_id 
_atom_site.label_alt_id 
_atom_site.label_comp_id 
_atom_site.label_asym_id 
_atom_site.label_entity_id 
_atom_site.label_seq_id 
_atom_site.pdbx_PDB_ins_code 
_atom_site.Cartn_x 
_atom_site.Cartn_y 
_atom_site.Cartn_z 
_atom_site.occupancy 
_atom_site.B_iso_or_equiv 
_atom_site.pdbx_formal_charge 
_atom_site.auth_seq_id 
_atom_site.auth_comp_id 
_atom_site.auth_asym_id 
_atom_site.auth_atom_id 
_atom_site.pdbx_PDB_model_num 
ATOM   1   O  "O5'" . DC  A 1 1 ? -11.167 5.789   -2.436  1.00 63.27 ? 1  DC  A "O5'" 1 
ATOM   2   C  "C5'" . DC  A 1 1 ? -12.123 6.025   -3.447  1.00 55.06 ? 1  DC  A "C5'" 1 
ATOM   3   C  "C4'" . DC  A 1 1 ? -12.502 4.723   -4.119  1.00 49.74 ? 1  DC  A "C4'" 1 
ATOM   4   O  "O4'" . DC  A 1 1 ? -13.697 4.803   -4.913  1.00 46.25 ? 1  DC  A "O4'" 1 
ATOM   5   C  "C3'" . DC  A 1 1 ? -11.418 4.158   -5.062  1.00 46.82 ? 1  DC  A "C3'" 1 
ATOM   6   O  "O3'" . DC  A 1 1 ? -11.389 2.746   -5.086  1.00 42.97 ? 1  DC  A "O3'" 1 
ATOM   7   C  "C2'" . DC  A 1 1 ? -11.836 4.629   -6.434  1.00 51.19 ? 1  DC  A "C2'" 1 
ATOM   8   C  "C1'" . DC  A 1 1 ? -13.349 4.720   -6.331  1.00 43.77 ? 1  DC  A "C1'" 1 
ATOM   9   N  N1    . DC  A 1 1 ? -14.155 5.761   -6.983  1.00 40.13 ? 1  DC  A N1    1 
ATOM   10  C  C2    . DC  A 1 1 ? -15.357 5.399   -7.593  1.00 38.55 ? 1  DC  A C2    1 
ATOM   11  O  O2    . DC  A 1 1 ? -15.690 4.208   -7.559  1.00 32.26 ? 1  DC  A O2    1 
ATOM   12  N  N3    . DC  A 1 1 ? -16.097 6.367   -8.195  1.00 41.66 ? 1  DC  A N3    1 
ATOM   13  C  C4    . DC  A 1 1 ? -15.657 7.633   -8.181  1.00 45.03 ? 1  DC  A C4    1 
ATOM   14  N  N4    . DC  A 1 1 ? -16.410 8.557   -8.780  1.00 47.99 ? 1  DC  A N4    1 
ATOM   15  C  C5    . DC  A 1 1 ? -14.429 8.021   -7.558  1.00 44.85 ? 1  DC  A C5    1 
ATOM   16  C  C6    . DC  A 1 1 ? -13.713 7.046   -6.972  1.00 43.59 ? 1  DC  A C6    1 
ATOM   17  P  P     . DG  A 1 2 ? -10.208 1.861   -4.367  1.00 50.98 ? 2  DG  A P     1 
ATOM   18  O  OP1   . DG  A 1 2 ? -8.918  2.638   -4.418  1.00 84.49 ? 2  DG  A OP1   1 
ATOM   19  O  OP2   . DG  A 1 2 ? -10.312 0.499   -5.003  1.00 48.51 ? 2  DG  A OP2   1 
ATOM   20  O  "O5'" . DG  A 1 2 ? -10.732 1.879   -2.877  1.00 62.92 ? 2  DG  A "O5'" 1 
ATOM   21  C  "C5'" . DG  A 1 2 ? -11.004 0.797   -2.029  1.00 65.74 ? 2  DG  A "C5'" 1 
ATOM   22  C  "C4'" . DG  A 1 2 ? -10.093 0.839   -0.806  1.00 55.07 ? 2  DG  A "C4'" 1 
ATOM   23  O  "O4'" . DG  A 1 2 ? -9.205  -0.308  -0.746  1.00 59.47 ? 2  DG  A "O4'" 1 
ATOM   24  C  "C3'" . DG  A 1 2 ? -9.172  2.065   -0.743  1.00 41.66 ? 2  DG  A "C3'" 1 
ATOM   25  O  "O3'" . DG  A 1 2 ? -9.709  3.102   0.103   1.00 38.10 ? 2  DG  A "O3'" 1 
ATOM   26  C  "C2'" . DG  A 1 2 ? -7.907  1.619   -0.116  1.00 45.39 ? 2  DG  A "C2'" 1 
ATOM   27  C  "C1'" . DG  A 1 2 ? -7.981  0.103   -0.055  1.00 50.86 ? 2  DG  A "C1'" 1 
ATOM   28  N  N9    . DG  A 1 2 ? -6.846  -0.514  -0.979  1.00 47.70 ? 2  DG  A N9    1 
ATOM   29  C  C8    . DG  A 1 2 ? -6.893  -0.431  -2.347  1.00 50.52 ? 2  DG  A C8    1 
ATOM   30  N  N7    . DG  A 1 2 ? -5.868  -0.998  -2.899  1.00 48.84 ? 2  DG  A N7    1 
ATOM   31  C  C5    . DG  A 1 2 ? -5.102  -1.480  -1.862  1.00 31.36 ? 2  DG  A C5    1 
ATOM   32  C  C6    . DG  A 1 2 ? -3.877  -2.182  -1.926  1.00 34.20 ? 2  DG  A C6    1 
ATOM   33  O  O6    . DG  A 1 2 ? -3.245  -2.505  -2.949  1.00 26.13 ? 2  DG  A O6    1 
ATOM   34  N  N1    . DG  A 1 2 ? -3.444  -2.482  -0.636  1.00 30.48 ? 2  DG  A N1    1 
ATOM   35  C  C2    . DG  A 1 2 ? -4.111  -2.145  0.511   1.00 31.82 ? 2  DG  A C2    1 
ATOM   36  N  N2    . DG  A 1 2 ? -3.567  -2.504  1.681   1.00 37.19 ? 2  DG  A N2    1 
ATOM   37  N  N3    . DG  A 1 2 ? -5.268  -1.482  0.572   1.00 36.61 ? 2  DG  A N3    1 
ATOM   38  C  C4    . DG  A 1 2 ? -5.700  -1.185  -0.667  1.00 32.47 ? 2  DG  A C4    1 
ATOM   39  P  P     . DU  A 1 3 ? -8.801  4.394   0.516   1.00 42.83 ? 3  DU  A P     1 
ATOM   40  O  OP1   . DU  A 1 3 ? -9.679  5.465   1.124   1.00 44.64 ? 3  DU  A OP1   1 
ATOM   41  O  OP2   . DU  A 1 3 ? -7.950  4.696   -0.687  1.00 42.12 ? 3  DU  A OP2   1 
ATOM   42  O  "O5'" . DU  A 1 3 ? -7.874  3.795   1.658   1.00 39.85 ? 3  DU  A "O5'" 1 
ATOM   43  C  "C5'" . DU  A 1 3 ? -8.162  3.090   2.822   1.00 42.73 ? 3  DU  A "C5'" 1 
ATOM   44  C  "C4'" . DU  A 1 3 ? -6.944  2.842   3.664   1.00 45.83 ? 3  DU  A "C4'" 1 
ATOM   45  O  "O4'" . DU  A 1 3 ? -6.029  1.859   3.205   1.00 35.35 ? 3  DU  A "O4'" 1 
ATOM   46  C  "C3'" . DU  A 1 3 ? -6.121  4.092   4.036   1.00 39.31 ? 3  DU  A "C3'" 1 
ATOM   47  O  "O3'" . DU  A 1 3 ? -5.664  4.054   5.376   1.00 44.66 ? 3  DU  A "O3'" 1 
ATOM   48  C  "C2'" . DU  A 1 3 ? -4.894  3.992   3.153   1.00 29.85 ? 3  DU  A "C2'" 1 
ATOM   49  C  "C1'" . DU  A 1 3 ? -4.660  2.448   3.141   1.00 27.51 ? 3  DU  A "C1'" 1 
ATOM   50  N  N1    . DU  A 1 3 ? -4.111  1.975   1.860   1.00 35.31 ? 3  DU  A N1    1 
ATOM   51  C  C2    . DU  A 1 3 ? -3.017  1.145   1.814   1.00 35.85 ? 3  DU  A C2    1 
ATOM   52  O  O2    . DU  A 1 3 ? -2.474  0.782   2.845   1.00 35.49 ? 3  DU  A O2    1 
ATOM   53  N  N3    . DU  A 1 3 ? -2.620  0.787   0.542   1.00 24.27 ? 3  DU  A N3    1 
ATOM   54  C  C4    . DU  A 1 3 ? -3.218  1.186   -0.646  1.00 26.89 ? 3  DU  A C4    1 
ATOM   55  O  O4    . DU  A 1 3 ? -2.811  0.826   -1.745  1.00 25.30 ? 3  DU  A O4    1 
ATOM   56  C  C5    . DU  A 1 3 ? -4.360  2.057   -0.505  1.00 24.48 ? 3  DU  A C5    1 
ATOM   57  C  C6    . DU  A 1 3 ? -4.737  2.394   0.703   1.00 25.24 ? 3  DU  A C6    1 
ATOM   58  P  P     . DA  A 1 4 ? -4.744  4.962   6.343   1.00 38.66 ? 4  DA  A P     1 
ATOM   59  O  OP1   . DA  A 1 4 ? -5.366  4.801   7.705   1.00 31.34 ? 4  DA  A OP1   1 
ATOM   60  O  OP2   . DA  A 1 4 ? -4.481  6.302   5.725   1.00 34.00 ? 4  DA  A OP2   1 
ATOM   61  O  "O5'" . DA  A 1 4 ? -3.354  4.144   6.290   1.00 36.79 ? 4  DA  A "O5'" 1 
ATOM   62  C  "C5'" . DA  A 1 4 ? -3.127  2.911   6.960   1.00 28.38 ? 4  DA  A "C5'" 1 
ATOM   63  C  "C4'" . DA  A 1 4 ? -1.669  2.528   6.843   1.00 29.26 ? 4  DA  A "C4'" 1 
ATOM   64  O  "O4'" . DA  A 1 4 ? -1.279  2.079   5.543   1.00 31.42 ? 4  DA  A "O4'" 1 
ATOM   65  C  "C3'" . DA  A 1 4 ? -0.680  3.611   7.266   1.00 27.67 ? 4  DA  A "C3'" 1 
ATOM   66  O  "O3'" . DA  A 1 4 ? 0.396   3.118   8.063   1.00 30.08 ? 4  DA  A "O3'" 1 
ATOM   67  C  "C2'" . DA  A 1 4 ? -0.075  4.115   5.982   1.00 25.95 ? 4  DA  A "C2'" 1 
ATOM   68  C  "C1'" . DA  A 1 4 ? -0.066  2.833   5.124   1.00 29.55 ? 4  DA  A "C1'" 1 
ATOM   69  N  N9    . DA  A 1 4 ? -0.247  2.992   3.722   1.00 25.39 ? 4  DA  A N9    1 
ATOM   70  C  C8    . DA  A 1 4 ? -1.349  3.632   3.194   1.00 28.61 ? 4  DA  A C8    1 
ATOM   71  N  N7    . DA  A 1 4 ? -1.357  3.691   1.871   1.00 26.58 ? 4  DA  A N7    1 
ATOM   72  C  C5    . DA  A 1 4 ? -0.174  3.044   1.528   1.00 25.98 ? 4  DA  A C5    1 
ATOM   73  C  C6    . DA  A 1 4 ? 0.409   2.770   0.281   1.00 28.71 ? 4  DA  A C6    1 
ATOM   74  N  N6    . DA  A 1 4 ? -0.166  3.140   -0.865  1.00 35.86 ? 4  DA  A N6    1 
ATOM   75  N  N1    . DA  A 1 4 ? 1.592   2.108   0.264   1.00 29.41 ? 4  DA  A N1    1 
ATOM   76  C  C2    . DA  A 1 4 ? 2.127   1.759   1.446   1.00 23.52 ? 4  DA  A C2    1 
ATOM   77  N  N3    . DA  A 1 4 ? 1.679   1.957   2.683   1.00 19.55 ? 4  DA  A N3    1 
ATOM   78  C  C4    . DA  A 1 4 ? 0.515   2.611   2.662   1.00 23.97 ? 4  DA  A C4    1 
ATOM   79  P  P     . DC  A 1 5 ? 1.197   4.210   8.994   1.00 36.24 ? 5  DC  A P     1 
ATOM   80  O  OP1   . DC  A 1 5 ? 1.627   3.549   10.269  1.00 43.86 ? 5  DC  A OP1   1 
ATOM   81  O  OP2   . DC  A 1 5 ? 0.432   5.484   8.840   1.00 33.01 ? 5  DC  A OP2   1 
ATOM   82  O  "O5'" . DC  A 1 5 ? 2.512   4.410   8.108   1.00 35.93 ? 5  DC  A "O5'" 1 
ATOM   83  C  "C5'" . DC  A 1 5 ? 3.424   3.424   7.683   1.00 22.10 ? 5  DC  A "C5'" 1 
ATOM   84  C  "C4'" . DC  A 1 5 ? 4.347   4.017   6.637   1.00 26.06 ? 5  DC  A "C4'" 1 
ATOM   85  O  "O4'" . DC  A 1 5 ? 3.807   4.091   5.334   1.00 30.32 ? 5  DC  A "O4'" 1 
ATOM   86  C  "C3'" . DC  A 1 5 ? 4.912   5.403   6.992   1.00 27.39 ? 5  DC  A "C3'" 1 
ATOM   87  O  "O3'" . DC  A 1 5 ? 6.344   5.419   6.991   1.00 24.61 ? 5  DC  A "O3'" 1 
ATOM   88  C  "C2'" . DC  A 1 5 ? 4.459   6.326   5.897   1.00 29.03 ? 5  DC  A "C2'" 1 
ATOM   89  C  "C1'" . DC  A 1 5 ? 4.139   5.405   4.742   1.00 31.14 ? 5  DC  A "C1'" 1 
ATOM   90  N  N1    . DC  A 1 5 ? 3.227   5.630   3.608   1.00 30.87 ? 5  DC  A N1    1 
ATOM   91  C  C2    . DC  A 1 5 ? 3.639   5.187   2.350   1.00 26.97 ? 5  DC  A C2    1 
ATOM   92  O  O2    . DC  A 1 5 ? 4.734   4.627   2.207   1.00 22.82 ? 5  DC  A O2    1 
ATOM   93  N  N3    . DC  A 1 5 ? 2.819   5.381   1.292   1.00 22.87 ? 5  DC  A N3    1 
ATOM   94  C  C4    . DC  A 1 5 ? 1.641   5.977   1.421   1.00 24.02 ? 5  DC  A C4    1 
ATOM   95  N  N4    . DC  A 1 5 ? 0.938   6.101   0.283   1.00 17.55 ? 5  DC  A N4    1 
ATOM   96  C  C5    . DC  A 1 5 ? 1.190   6.442   2.692   1.00 21.16 ? 5  DC  A C5    1 
ATOM   97  C  C6    . DC  A 1 5 ? 2.012   6.246   3.740   1.00 26.77 ? 5  DC  A C6    1 
ATOM   98  P  P     . DG  A 1 6 ? 7.338   6.409   7.773   1.00 25.93 ? 6  DG  A P     1 
ATOM   99  O  OP1   . DG  A 1 6 ? 8.663   5.724   7.968   1.00 28.86 ? 6  DG  A OP1   1 
ATOM   100 O  OP2   . DG  A 1 6 ? 6.619   7.136   8.873   1.00 25.28 ? 6  DG  A OP2   1 
ATOM   101 O  "O5'" . DG  A 1 6 ? 7.586   7.530   6.631   1.00 26.16 ? 6  DG  A "O5'" 1 
ATOM   102 C  "C5'" . DG  A 1 6 ? 7.810   7.320   5.269   1.00 20.06 ? 6  DG  A "C5'" 1 
ATOM   103 C  "C4'" . DG  A 1 6 ? 8.123   8.647   4.571   1.00 19.49 ? 6  DG  A "C4'" 1 
ATOM   104 O  "O4'" . DG  A 1 6 ? 7.030   9.555   4.544   1.00 15.93 ? 6  DG  A "O4'" 1 
ATOM   105 C  "C3'" . DG  A 1 6 ? 9.329   9.397   5.178   1.00 19.80 ? 6  DG  A "C3'" 1 
ATOM   106 O  "O3'" . DG  A 1 6 ? 10.491  9.287   4.310   1.00 23.99 ? 6  DG  A "O3'" 1 
ATOM   107 C  "C2'" . DG  A 1 6 ? 8.954   10.866  5.106   1.00 26.31 ? 6  DG  A "C2'" 1 
ATOM   108 C  "C1'" . DG  A 1 6 ? 7.426   10.813  5.246   1.00 23.82 ? 6  DG  A "C1'" 1 
ATOM   109 N  N9    . DG  A 1 6 ? 6.934   10.483  6.722   1.00 26.12 ? 6  DG  A N9    1 
ATOM   110 C  C8    . DG  A 1 6 ? 7.712   10.529  7.848   1.00 22.85 ? 6  DG  A C8    1 
ATOM   111 N  N7    . DG  A 1 6 ? 7.059   10.212  8.927   1.00 20.91 ? 6  DG  A N7    1 
ATOM   112 C  C5    . DG  A 1 6 ? 5.771   9.940   8.474   1.00 27.99 ? 6  DG  A C5    1 
ATOM   113 C  C6    . DG  A 1 6 ? 4.602   9.541   9.169   1.00 23.32 ? 6  DG  A C6    1 
ATOM   114 O  O6    . DG  A 1 6 ? 4.488   9.344   10.382  1.00 39.35 ? 6  DG  A O6    1 
ATOM   115 N  N1    . DG  A 1 6 ? 3.511   9.374   8.325   1.00 20.85 ? 6  DG  A N1    1 
ATOM   116 C  C2    . DG  A 1 6 ? 3.525   9.565   6.960   1.00 19.39 ? 6  DG  A C2    1 
ATOM   117 N  N2    . DG  A 1 6 ? 2.395   9.367   6.268   1.00 20.91 ? 6  DG  A N2    1 
ATOM   118 N  N3    . DG  A 1 6 ? 4.609   9.937   6.303   1.00 25.62 ? 6  DG  A N3    1 
ATOM   119 C  C4    . DG  A 1 6 ? 5.682   10.103  7.116   1.00 30.54 ? 6  DG  A C4    1 
ATOM   120 P  P     . DG  B 1 2 ? 5.617   4.977   -9.649  0.50 36.07 ? 2  DG  B P     1 
ATOM   121 O  OP1   . DG  B 1 2 ? 4.404   4.074   -9.638  0.50 46.03 ? 2  DG  B OP1   1 
ATOM   122 O  OP2   . DG  B 1 2 ? 5.518   6.372   -9.084  0.50 41.56 ? 2  DG  B OP2   1 
ATOM   123 O  "O5'" . DG  B 1 2 ? 6.765   4.218   -8.840  0.50 28.57 ? 2  DG  B "O5'" 1 
ATOM   124 C  "C5'" . DG  B 1 2 ? 7.686   4.852   -7.995  0.50 29.77 ? 2  DG  B "C5'" 1 
ATOM   125 C  "C4'" . DG  B 1 2 ? 8.192   3.902   -6.928  1.00 21.60 ? 2  DG  B "C4'" 1 
ATOM   126 O  "O4'" . DG  B 1 2 ? 7.573   4.082   -5.651  1.00 24.22 ? 2  DG  B "O4'" 1 
ATOM   127 C  "C3'" . DG  B 1 2 ? 7.993   2.400   -7.273  1.00 24.15 ? 2  DG  B "C3'" 1 
ATOM   128 O  "O3'" . DG  B 1 2 ? 8.996   1.593   -6.651  1.00 37.93 ? 2  DG  B "O3'" 1 
ATOM   129 C  "C2'" . DG  B 1 2 ? 6.691   2.050   -6.605  1.00 25.20 ? 2  DG  B "C2'" 1 
ATOM   130 C  "C1'" . DG  B 1 2 ? 6.708   2.919   -5.362  1.00 21.67 ? 2  DG  B "C1'" 1 
ATOM   131 N  N9    . DG  B 1 2 ? 5.460   3.691   -4.812  1.00 25.04 ? 2  DG  B N9    1 
ATOM   132 C  C8    . DG  B 1 2 ? 4.513   4.334   -5.568  1.00 26.34 ? 2  DG  B C8    1 
ATOM   133 N  N7    . DG  B 1 2 ? 3.580   4.898   -4.854  1.00 23.93 ? 2  DG  B N7    1 
ATOM   134 C  C5    . DG  B 1 2 ? 3.926   4.612   -3.543  1.00 24.08 ? 2  DG  B C5    1 
ATOM   135 C  C6    . DG  B 1 2 ? 3.293   4.959   -2.339  1.00 23.78 ? 2  DG  B C6    1 
ATOM   136 O  O6    . DG  B 1 2 ? 2.252   5.619   -2.198  1.00 23.32 ? 2  DG  B O6    1 
ATOM   137 N  N1    . DG  B 1 2 ? 3.980   4.465   -1.209  1.00 18.91 ? 2  DG  B N1    1 
ATOM   138 C  C2    . DG  B 1 2 ? 5.131   3.732   -1.285  1.00 21.17 ? 2  DG  B C2    1 
ATOM   139 N  N2    . DG  B 1 2 ? 5.668   3.330   -0.107  1.00 21.07 ? 2  DG  B N2    1 
ATOM   140 N  N3    . DG  B 1 2 ? 5.737   3.398   -2.413  1.00 25.74 ? 2  DG  B N3    1 
ATOM   141 C  C4    . DG  B 1 2 ? 5.087   3.867   -3.499  1.00 25.99 ? 2  DG  B C4    1 
ATOM   142 P  P     . DU  B 1 3 ? 9.280   0.036   -6.950  1.00 36.24 ? 3  DU  B P     1 
ATOM   143 O  OP1   . DU  B 1 3 ? 10.739  -0.136  -7.295  1.00 38.00 ? 3  DU  B OP1   1 
ATOM   144 O  OP2   . DU  B 1 3 ? 8.154   -0.425  -7.860  1.00 62.76 ? 3  DU  B OP2   1 
ATOM   145 O  "O5'" . DU  B 1 3 ? 8.974   -0.636  -5.546  1.00 34.25 ? 3  DU  B "O5'" 1 
ATOM   146 C  "C5'" . DU  B 1 3 ? 9.389   -0.180  -4.280  1.00 25.02 ? 3  DU  B "C5'" 1 
ATOM   147 C  "C4'" . DU  B 1 3 ? 8.449   -0.674  -3.204  1.00 26.37 ? 3  DU  B "C4'" 1 
ATOM   148 O  "O4'" . DU  B 1 3 ? 7.262   0.100   -3.071  1.00 22.49 ? 3  DU  B "O4'" 1 
ATOM   149 C  "C3'" . DU  B 1 3 ? 8.026   -2.135  -3.306  1.00 30.67 ? 3  DU  B "C3'" 1 
ATOM   150 O  "O3'" . DU  B 1 3 ? 8.717   -2.992  -2.409  1.00 34.78 ? 3  DU  B "O3'" 1 
ATOM   151 C  "C2'" . DU  B 1 3 ? 6.567   -2.204  -2.987  1.00 12.30 ? 3  DU  B "C2'" 1 
ATOM   152 C  "C1'" . DU  B 1 3 ? 6.184   -0.803  -2.591  1.00 19.89 ? 3  DU  B "C1'" 1 
ATOM   153 N  N1    . DU  B 1 3 ? 4.947   -0.062  -2.834  1.00 32.06 ? 3  DU  B N1    1 
ATOM   154 C  C2    . DU  B 1 3 ? 4.232   0.381   -1.738  1.00 28.89 ? 3  DU  B C2    1 
ATOM   155 O  O2    . DU  B 1 3 ? 4.571   0.188   -0.585  1.00 25.57 ? 3  DU  B O2    1 
ATOM   156 N  N3    . DU  B 1 3 ? 3.090   1.063   -2.046  1.00 27.17 ? 3  DU  B N3    1 
ATOM   157 C  C4    . DU  B 1 3 ? 2.613   1.335   -3.314  1.00 20.48 ? 3  DU  B C4    1 
ATOM   158 O  O4    . DU  B 1 3 ? 1.564   1.967   -3.370  1.00 29.55 ? 3  DU  B O4    1 
ATOM   159 C  C5    . DU  B 1 3 ? 3.399   0.851   -4.403  1.00 28.58 ? 3  DU  B C5    1 
ATOM   160 C  C6    . DU  B 1 3 ? 4.529   0.176   -4.142  1.00 29.60 ? 3  DU  B C6    1 
ATOM   161 P  P     . DA  B 1 4 ? 8.331   -4.473  -1.889  1.00 37.78 ? 4  DA  B P     1 
ATOM   162 O  OP1   . DA  B 1 4 ? 9.600   -5.018  -1.269  1.00 47.92 ? 4  DA  B OP1   1 
ATOM   163 O  OP2   . DA  B 1 4 ? 7.557   -5.227  -2.948  1.00 37.75 ? 4  DA  B OP2   1 
ATOM   164 O  "O5'" . DA  B 1 4 ? 7.260   -4.138  -0.756  1.00 33.43 ? 4  DA  B "O5'" 1 
ATOM   165 C  "C5'" . DA  B 1 4 ? 7.608   -3.426  0.424   1.00 39.47 ? 4  DA  B "C5'" 1 
ATOM   166 C  "C4'" . DA  B 1 4 ? 6.533   -3.633  1.470   1.00 40.35 ? 4  DA  B "C4'" 1 
ATOM   167 O  "O4'" . DA  B 1 4 ? 5.406   -2.758  1.320   1.00 39.42 ? 4  DA  B "O4'" 1 
ATOM   168 C  "C3'" . DA  B 1 4 ? 5.997   -5.051  1.583   1.00 44.95 ? 4  DA  B "C3'" 1 
ATOM   169 O  "O3'" . DA  B 1 4 ? 5.991   -5.596  2.869   1.00 49.26 ? 4  DA  B "O3'" 1 
ATOM   170 C  "C2'" . DA  B 1 4 ? 4.604   -5.015  1.041   1.00 37.38 ? 4  DA  B "C2'" 1 
ATOM   171 C  "C1'" . DA  B 1 4 ? 4.183   -3.563  1.192   1.00 43.82 ? 4  DA  B "C1'" 1 
ATOM   172 N  N9    . DA  B 1 4 ? 3.264   -2.926  0.304   1.00 27.85 ? 4  DA  B N9    1 
ATOM   173 C  C8    . DA  B 1 4 ? 3.394   -2.977  -1.046  1.00 23.10 ? 4  DA  B C8    1 
ATOM   174 N  N7    . DA  B 1 4 ? 2.457   -2.333  -1.697  1.00 24.30 ? 4  DA  B N7    1 
ATOM   175 C  C5    . DA  B 1 4 ? 1.656   -1.823  -0.686  1.00 26.87 ? 4  DA  B C5    1 
ATOM   176 C  C6    . DA  B 1 4 ? 0.482   -1.039  -0.705  1.00 29.59 ? 4  DA  B C6    1 
ATOM   177 N  N6    . DA  B 1 4 ? -0.063  -0.643  -1.862  1.00 38.34 ? 4  DA  B N6    1 
ATOM   178 N  N1    . DA  B 1 4 ? -0.093  -0.684  0.458   1.00 24.96 ? 4  DA  B N1    1 
ATOM   179 C  C2    . DA  B 1 4 ? 0.487   -1.102  1.597   1.00 27.47 ? 4  DA  B C2    1 
ATOM   180 N  N3    . DA  B 1 4 ? 1.588   -1.842  1.716   1.00 25.32 ? 4  DA  B N3    1 
ATOM   181 C  C4    . DA  B 1 4 ? 2.140   -2.179  0.554   1.00 16.39 ? 4  DA  B C4    1 
ATOM   182 P  P     . DC  B 1 5 ? 5.281   -6.865  3.580   1.00 51.97 ? 5  DC  B P     1 
ATOM   183 O  OP1   . DC  B 1 5 ? 4.475   -6.327  4.739   1.00 54.69 ? 5  DC  B OP1   1 
ATOM   184 O  OP2   . DC  B 1 5 ? 6.318   -7.943  3.744   1.00 68.75 ? 5  DC  B OP2   1 
ATOM   185 O  "O5'" . DC  B 1 5 ? 4.250   -7.368  2.509   1.00 66.19 ? 5  DC  B "O5'" 1 
ATOM   186 C  "C5'" . DC  B 1 5 ? 2.926   -7.774  2.556   1.00 70.59 ? 5  DC  B "C5'" 1 
ATOM   187 C  "C4'" . DC  B 1 5 ? 2.070   -6.908  3.437   1.00 61.82 ? 5  DC  B "C4'" 1 
ATOM   188 O  "O4'" . DC  B 1 5 ? 1.751   -5.617  2.881   1.00 47.17 ? 5  DC  B "O4'" 1 
ATOM   189 C  "C3'" . DC  B 1 5 ? 0.732   -7.538  3.851   1.00 53.45 ? 5  DC  B "C3'" 1 
ATOM   190 O  "O3'" . DC  B 1 5 ? 0.465   -7.460  5.241   1.00 60.27 ? 5  DC  B "O3'" 1 
ATOM   191 C  "C2'" . DC  B 1 5 ? -0.330  -6.814  3.115   1.00 43.96 ? 5  DC  B "C2'" 1 
ATOM   192 C  "C1'" . DC  B 1 5 ? 0.326   -5.574  2.569   1.00 39.77 ? 5  DC  B "C1'" 1 
ATOM   193 N  N1    . DC  B 1 5 ? 0.219   -5.243  1.148   1.00 38.35 ? 5  DC  B N1    1 
ATOM   194 C  C2    . DC  B 1 5 ? -0.828  -4.386  0.812   1.00 29.54 ? 5  DC  B C2    1 
ATOM   195 O  O2    . DC  B 1 5 ? -1.560  -3.988  1.713   1.00 27.44 ? 5  DC  B O2    1 
ATOM   196 N  N3    . DC  B 1 5 ? -0.976  -4.047  -0.480  1.00 30.90 ? 5  DC  B N3    1 
ATOM   197 C  C4    . DC  B 1 5 ? -0.128  -4.534  -1.387  1.00 35.09 ? 5  DC  B C4    1 
ATOM   198 N  N4    . DC  B 1 5 ? -0.342  -4.149  -2.650  1.00 35.84 ? 5  DC  B N4    1 
ATOM   199 C  C5    . DC  B 1 5 ? 0.946   -5.410  -1.058  1.00 38.73 ? 5  DC  B C5    1 
ATOM   200 C  C6    . DC  B 1 5 ? 1.082   -5.741  0.239   1.00 41.32 ? 5  DC  B C6    1 
ATOM   201 P  P     . DG  B 1 6 ? -0.006  -8.792  6.080   1.00 70.76 ? 6  DG  B P     1 
ATOM   202 O  OP1   . DG  B 1 6 ? 0.488   -8.672  7.500   1.00 80.11 ? 6  DG  B OP1   1 
ATOM   203 O  OP2   . DG  B 1 6 ? 0.314   -9.942  5.156   1.00 35.28 ? 6  DG  B OP2   1 
ATOM   204 O  "O5'" . DG  B 1 6 ? -1.596  -8.657  6.098   1.00 71.66 ? 6  DG  B "O5'" 1 
ATOM   205 C  "C5'" . DG  B 1 6 ? -2.491  -8.350  5.073   1.00 57.27 ? 6  DG  B "C5'" 1 
ATOM   206 C  "C4'" . DG  B 1 6 ? -3.732  -9.227  5.138   1.00 48.17 ? 6  DG  B "C4'" 1 
ATOM   207 O  "O4'" . DG  B 1 6 ? -4.387  -9.339  3.846   1.00 46.43 ? 6  DG  B "O4'" 1 
ATOM   208 C  "C3'" . DG  B 1 6 ? -3.427  -10.699 5.546   1.00 51.95 ? 6  DG  B "C3'" 1 
ATOM   209 O  "O3'" . DG  B 1 6 ? -3.488  -10.890 6.950   1.00 51.85 ? 6  DG  B "O3'" 1 
ATOM   210 C  "C2'" . DG  B 1 6 ? -4.592  -11.469 4.953   1.00 51.20 ? 6  DG  B "C2'" 1 
ATOM   211 C  "C1'" . DG  B 1 6 ? -4.847  -10.711 3.653   1.00 39.10 ? 6  DG  B "C1'" 1 
ATOM   212 N  N9    . DG  B 1 6 ? -4.143  -11.174 2.330   1.00 29.83 ? 6  DG  B N9    1 
ATOM   213 C  C8    . DG  B 1 6 ? -3.184  -12.137 2.228   1.00 34.80 ? 6  DG  B C8    1 
ATOM   214 N  N7    . DG  B 1 6 ? -2.755  -12.340 1.009   1.00 35.87 ? 6  DG  B N7    1 
ATOM   215 C  C5    . DG  B 1 6 ? -3.486  -11.439 0.237   1.00 41.97 ? 6  DG  B C5    1 
ATOM   216 C  C6    . DG  B 1 6 ? -3.463  -11.188 -1.161  1.00 45.06 ? 6  DG  B C6    1 
ATOM   217 O  O6    . DG  B 1 6 ? -2.775  -11.720 -2.056  1.00 50.58 ? 6  DG  B O6    1 
ATOM   218 N  N1    . DG  B 1 6 ? -4.364  -10.189 -1.542  1.00 39.63 ? 6  DG  B N1    1 
ATOM   219 C  C2    . DG  B 1 6 ? -5.181  -9.523  -0.666  1.00 40.31 ? 6  DG  B C2    1 
ATOM   220 N  N2    . DG  B 1 6 ? -5.972  -8.601  -1.229  1.00 32.51 ? 6  DG  B N2    1 
ATOM   221 N  N3    . DG  B 1 6 ? -5.220  -9.741  0.651   1.00 40.67 ? 6  DG  B N3    1 
ATOM   222 C  C4    . DG  B 1 6 ? -4.347  -10.712 1.042   1.00 34.92 ? 6  DG  B C4    1 
HETATM 223 CO CO    . 3CO C 2 . ? 8.187   10.397  10.663  0.50 25.50 ? 40 3CO A CO    1 
HETATM 224 BR BR    . BR  D 3 . ? -5.297  2.691   -2.102  1.00 48.41 ? 41 BR  A BR    1 
HETATM 225 CO CO    . 3CO E 2 . ? 2.012   5.696   -5.934  1.00 45.17 ? 43 3CO B CO    1 
HETATM 226 BR BR    . BR  F 3 . ? 2.774   1.209   -6.224  1.00 39.51 ? 44 BR  B BR    1 
HETATM 227 BR BR    A BFA G 4 . ? -1.609  -7.265  -5.837  0.50 56.51 ? 50 BFA B BR    1 
HETATM 228 BR BR    B BFA G 4 . ? -7.060  -4.607  0.151   0.50 54.11 ? 50 BFA B BR    1 
HETATM 229 C  C4    A BFA G 4 . ? -0.263  -9.607  -1.305  0.50 34.69 ? 50 BFA B C4    1 
HETATM 230 C  C4    B BFA G 4 . ? -4.630  -5.407  -4.256  0.50 43.28 ? 50 BFA B C4    1 
HETATM 231 C  C3    A BFA G 4 . ? -0.153  -10.011 -0.010  0.50 30.01 ? 50 BFA B C3    1 
HETATM 232 C  C3    B BFA G 4 . ? -3.781  -5.744  -5.272  0.50 46.01 ? 50 BFA B C3    1 
HETATM 233 C  C2    A BFA G 4 . ? -0.952  -9.479  1.018   0.50 32.16 ? 50 BFA B C2    1 
HETATM 234 C  C2    B BFA G 4 . ? -2.562  -6.411  -5.073  0.50 41.49 ? 50 BFA B C2    1 
HETATM 235 C  C1    A BFA G 4 . ? -1.879  -8.528  0.759   0.50 26.10 ? 50 BFA B C1    1 
HETATM 236 C  C1    B BFA G 4 . ? -2.192  -6.746  -3.815  0.50 37.13 ? 50 BFA B C1    1 
HETATM 237 N  N9    A BFA G 4 . ? -2.970  -7.115  -0.781  0.50 38.43 ? 50 BFA B N9    1 
HETATM 238 N  N9    B BFA G 4 . ? -2.605  -6.784  -1.445  0.50 39.52 ? 50 BFA B N9    1 
HETATM 239 C  C8    A BFA G 4 . ? -4.146  -5.639  -2.288  0.50 40.30 ? 50 BFA B C8    1 
HETATM 240 C  C8    B BFA G 4 . ? -3.034  -6.829  0.979   0.50 37.67 ? 50 BFA B C8    1 
HETATM 241 C  C7    A BFA G 4 . ? -4.351  -5.151  -3.536  0.50 42.02 ? 50 BFA B C7    1 
HETATM 242 C  C7    B BFA G 4 . ? -3.852  -6.507  2.014   0.50 44.28 ? 50 BFA B C7    1 
HETATM 243 C  C6    A BFA G 4 . ? -3.567  -5.665  -4.590  0.50 43.66 ? 50 BFA B C6    1 
HETATM 244 C  C6    B BFA G 4 . ? -5.075  -5.833  1.763   0.50 43.29 ? 50 BFA B C6    1 
HETATM 245 C  C5    A BFA G 4 . ? -2.635  -6.608  -4.392  0.50 38.45 ? 50 BFA B C5    1 
HETATM 246 C  C5    B BFA G 4 . ? -5.438  -5.505  0.517   0.50 37.08 ? 50 BFA B C5    1 
HETATM 247 C  C12   A BFA G 4 . ? -1.232  -8.593  -1.646  0.50 32.82 ? 50 BFA B C12   1 
HETATM 248 C  C12   B BFA G 4 . ? -4.264  -5.751  -2.907  0.50 39.44 ? 50 BFA B C12   1 
HETATM 249 C  C11   A BFA G 4 . ? -2.034  -8.072  -0.562  0.50 31.67 ? 50 BFA B C11   1 
HETATM 250 C  C11   B BFA G 4 . ? -3.006  -6.436  -2.707  0.50 39.47 ? 50 BFA B C11   1 
HETATM 251 C  C13   A BFA G 4 . ? -3.175  -6.630  -2.043  0.50 40.98 ? 50 BFA B C13   1 
HETATM 252 C  C13   B BFA G 4 . ? -3.379  -6.496  -0.349  0.50 38.48 ? 50 BFA B C13   1 
HETATM 253 C  C14   A BFA G 4 . ? -2.383  -7.144  -3.113  0.50 38.36 ? 50 BFA B C14   1 
HETATM 254 C  C14   B BFA G 4 . ? -4.612  -5.820  -0.585  0.50 38.36 ? 50 BFA B C14   1 
HETATM 255 N  N10   A BFA G 4 . ? -1.448  -8.093  -2.896  0.50 35.23 ? 50 BFA B N10   1 
HETATM 256 N  N10   B BFA G 4 . ? -5.028  -5.462  -1.816  0.50 39.68 ? 50 BFA B N10   1 
HETATM 257 C  CD1   A BFA G 4 . ? 0.598   -10.184 -2.399  0.50 34.07 ? 50 BFA B CD1   1 
HETATM 258 C  CD1   B BFA G 4 . ? -5.927  -4.693  -4.510  0.50 41.26 ? 50 BFA B CD1   1 
HETATM 259 O  OD1   A BFA G 4 . ? 0.925   -9.544  -3.398  0.50 40.44 ? 50 BFA B OD1   1 
HETATM 260 O  OD1   B BFA G 4 . ? -6.935  -4.735  -3.804  0.50 36.08 ? 50 BFA B OD1   1 
HETATM 261 N  ND1   A BFA G 4 . ? 1.231   -11.307 -2.106  0.50 33.17 ? 50 BFA B ND1   1 
HETATM 262 N  ND1   B BFA G 4 . ? -6.009  -4.140  -5.719  0.50 40.98 ? 50 BFA B ND1   1 
HETATM 263 C  CD2   A BFA G 4 . ? 0.592   -12.553 -1.727  0.50 30.69 ? 50 BFA B CD2   1 
HETATM 264 C  CD2   B BFA G 4 . ? -6.481  -2.758  -5.874  0.50 29.34 ? 50 BFA B CD2   1 
HETATM 265 C  CD3   A BFA G 4 . ? 0.247   -12.538 -0.248  0.50 32.70 ? 50 BFA B CD3   1 
HETATM 266 C  CD3   B BFA G 4 . ? -5.296  -1.838  -5.718  0.50 8.28  ? 50 BFA B CD3   1 
HETATM 267 N  ND2   A BFA G 4 . ? -0.527  -13.725 0.144   0.50 35.69 ? 50 BFA B ND2   1 
HETATM 268 N  ND2   B BFA G 4 . ? -5.648  -0.446  -5.521  0.50 16.72 ? 50 BFA B ND2   1 
HETATM 269 C  CD7   A BFA G 4 . ? 0.407   -14.828 0.488   0.50 42.07 ? 50 BFA B CD7   1 
HETATM 270 C  CD7   B BFA G 4 . ? -6.262  0.117   -6.750  0.50 34.29 ? 50 BFA B CD7   1 
HETATM 271 C  CD8   A BFA G 4 . ? -1.391  -14.131 -0.967  0.50 39.41 ? 50 BFA B CD8   1 
HETATM 272 C  CD8   B BFA G 4 . ? -4.458  0.338   -5.183  0.50 35.97 ? 50 BFA B CD8   1 
HETATM 273 O  O     . HOH H 5 . ? 7.799   8.377   10.745  1.00 40.30 ? 42 HOH A O     1 
HETATM 274 O  O     . HOH H 5 . ? 9.940   9.943   9.579   1.00 34.21 ? 43 HOH A O     1 
HETATM 275 O  O     . HOH H 5 . ? 10.489  10.194  1.805   1.00 29.98 ? 44 HOH A O     1 
HETATM 276 O  O     . HOH H 5 . ? -1.999  5.197   -1.752  1.00 49.60 ? 45 HOH A O     1 
HETATM 277 O  O     . HOH H 5 . ? 10.676  8.000   8.592   1.00 42.98 ? 46 HOH A O     1 
HETATM 278 O  O     . HOH H 5 . ? -1.432  -0.791  -5.613  1.00 86.82 ? 47 HOH A O     1 
HETATM 279 O  O     . HOH H 5 . ? 12.548  7.842   5.649   1.00 53.53 ? 48 HOH A O     1 
HETATM 280 O  O     . HOH H 5 . ? -7.202  4.452   -3.798  1.00 33.12 ? 49 HOH A O     1 
HETATM 281 O  O     . HOH H 5 . ? -2.045  5.908   9.826   1.00 52.62 ? 50 HOH A O     1 
HETATM 282 O  O     . HOH H 5 . ? 3.100   8.759   12.619  1.00 40.93 ? 51 HOH A O     1 
HETATM 283 O  O     . HOH H 5 . ? -4.552  7.509   -2.650  1.00 34.14 ? 52 HOH A O     1 
HETATM 284 O  O     . HOH H 5 . ? 3.412   1.298   10.473  1.00 48.36 ? 53 HOH A O     1 
HETATM 285 O  O     . HOH H 5 . ? 10.360  12.567  2.381   1.00 56.58 ? 54 HOH A O     1 
HETATM 286 O  O     . HOH H 5 . ? 1.420   7.243   12.225  1.00 58.08 ? 55 HOH A O     1 
HETATM 287 O  O     . HOH H 5 . ? 5.391   8.728   12.426  0.50 35.36 ? 56 HOH A O     1 
HETATM 288 O  O     . HOH H 5 . ? 4.078   6.495   11.830  1.00 65.25 ? 57 HOH A O     1 
HETATM 289 O  O     . HOH I 5 . ? 0.371   4.643   -5.106  1.00 54.75 ? 51 HOH B O     1 
HETATM 290 O  O     . HOH I 5 . ? 3.037   7.252   -6.987  1.00 49.01 ? 52 HOH B O     1 
HETATM 291 O  O     . HOH I 5 . ? 0.406   6.375   -7.114  1.00 39.48 ? 53 HOH B O     1 
HETATM 292 O  O     . HOH I 5 . ? 2.325   4.455   -7.638  1.00 34.70 ? 54 HOH B O     1 
HETATM 293 O  O     . HOH I 5 . ? 2.346   7.073   -4.375  1.00 56.42 ? 55 HOH B O     1 
HETATM 294 O  O     . HOH I 5 . ? 11.606  -3.091  -0.555  1.00 38.04 ? 56 HOH B O     1 
HETATM 295 O  O     . HOH I 5 . ? -1.870  -13.638 4.191   1.00 53.00 ? 57 HOH B O     1 
HETATM 296 O  O     . HOH I 5 . ? 7.854   -4.468  -6.292  1.00 51.59 ? 58 HOH B O     1 
HETATM 297 O  O     . HOH I 5 . ? 4.881   7.479   -11.925 1.00 76.66 ? 59 HOH B O     1 
HETATM 298 O  O     . HOH I 5 . ? 0.558   -5.113  -4.767  1.00 39.81 ? 60 HOH B O     1 
HETATM 299 O  O     . HOH I 5 . ? 0.264   -3.883  -12.958 1.00 53.15 ? 61 HOH B O     1 
HETATM 300 O  O     . HOH I 5 . ? -0.029  -16.453 -1.727  1.00 70.53 ? 62 HOH B O     1 
HETATM 301 O  O     . HOH I 5 . ? 5.836   7.764   -5.115  1.00 30.83 ? 63 HOH B O     1 
HETATM 302 O  O     . HOH I 5 . ? 8.746   -5.348  5.566   1.00 35.38 ? 64 HOH B O     1 
HETATM 303 O  O     . HOH I 5 . ? 0.213   -10.948 3.091   1.00 51.30 ? 65 HOH B O     1 
HETATM 304 O  O     . HOH I 5 . ? 1.148   4.078   -20.540 1.00 66.61 ? 66 HOH B O     1 
HETATM 305 O  O     . HOH I 5 . ? 6.588   3.351   -11.670 1.00 55.60 ? 67 HOH B O     1 
HETATM 306 O  O     . HOH I 5 . ? 5.124   -5.763  -3.106  1.00 47.64 ? 68 HOH B O     1 
HETATM 307 O  O     . HOH I 5 . ? 8.056   7.789   -13.003 1.00 65.41 ? 69 HOH B O     1 
HETATM 308 O  O     . HOH I 5 . ? 6.076   10.145  -13.113 1.00 73.43 ? 70 HOH B O     1 
HETATM 309 O  O     . HOH I 5 . ? 7.834   0.786   -11.244 1.00 64.57 ? 71 HOH B O     1 
# 
loop_
_atom_site_anisotrop.id 
_atom_site_anisotrop.type_symbol 
_atom_site_anisotrop.pdbx_label_atom_id 
_atom_site_anisotrop.pdbx_label_alt_id 
_atom_site_anisotrop.pdbx_label_comp_id 
_atom_site_anisotrop.pdbx_label_asym_id 
_atom_site_anisotrop.pdbx_label_seq_id 
_atom_site_anisotrop.pdbx_PDB_ins_code 
_atom_site_anisotrop.U[1][1] 
_atom_site_anisotrop.U[2][2] 
_atom_site_anisotrop.U[3][3] 
_atom_site_anisotrop.U[1][2] 
_atom_site_anisotrop.U[1][3] 
_atom_site_anisotrop.U[2][3] 
_atom_site_anisotrop.pdbx_auth_seq_id 
_atom_site_anisotrop.pdbx_auth_comp_id 
_atom_site_anisotrop.pdbx_auth_asym_id 
_atom_site_anisotrop.pdbx_auth_atom_id 
223 CO CO . 3CO C . ? 0.3771 0.3583 0.2334 0.0361  -0.1206 -0.0529 40 3CO A CO 
224 BR BR . BR  D . ? 0.3967 0.7075 0.7354 -0.0467 -0.1143 0.1813  41 BR  A BR 
225 CO CO . 3CO E . ? 0.6114 0.6395 0.4652 0.1719  -0.2475 0.0452  43 3CO B CO 
226 BR BR . BR  F . ? 0.5575 0.6136 0.3300 -0.0504 -0.0989 -0.0344 44 BR  B BR 
# 
